data_7YCT
#
_entry.id   7YCT
#
_cell.length_a   123.790
_cell.length_b   123.790
_cell.length_c   129.500
_cell.angle_alpha   90.000
_cell.angle_beta   90.000
_cell.angle_gamma   120.000
#
_symmetry.space_group_name_H-M   'P 63'
#
loop_
_entity.id
_entity.type
_entity.pdbx_description
1 polymer 'Hydroxynitrile lyase'
2 non-polymer (2~{R})-2-(2-chlorophenyl)-2-oxidanyl-ethanenitrile
3 non-polymer GLYCEROL
4 non-polymer 'SULFATE ION'
5 water water
#
_entity_poly.entity_id   1
_entity_poly.type   'polypeptide(L)'
_entity_poly.pdbx_seq_one_letter_code
;MLYYVSILLMAVYAVAVADEDPMTCDKLPKVPVPPLEEFIKSNPLQFAYVLTDTFDCTTRVYVQPARLSPNQAATALDIR
GSRIITNDFVGGPNNSAILNNCTTGEKATWYFQYTNLNTPNGSSYCAYTCNGEEIAEYKCANNNNGTDPLQKQAVEVAKK
VPNGDKIHYALDNCPEHHGCFAFY
;
_entity_poly.pdbx_strand_id   A,B,C,D
#
loop_
_chem_comp.id
_chem_comp.type
_chem_comp.name
_chem_comp.formula
GOL non-polymer GLYCEROL 'C3 H8 O3'
IJ5 non-polymer (2~{R})-2-(2-chlorophenyl)-2-oxidanyl-ethanenitrile 'C8 H6 Cl N O'
SO4 non-polymer 'SULFATE ION' 'O4 S -2'
#
# COMPACT_ATOMS: atom_id res chain seq x y z
N ASP A 21 1.10 -1.07 -17.44
CA ASP A 21 1.50 0.02 -18.38
C ASP A 21 1.70 1.37 -17.64
N PRO A 22 0.73 1.98 -16.86
CA PRO A 22 1.03 3.19 -16.07
C PRO A 22 2.08 2.89 -14.99
N MET A 23 3.01 3.85 -14.82
CA MET A 23 4.32 3.64 -14.21
C MET A 23 4.39 4.22 -12.78
N THR A 24 3.57 5.24 -12.47
CA THR A 24 3.47 5.80 -11.13
C THR A 24 1.99 5.87 -10.67
N CYS A 25 1.77 6.08 -9.36
CA CYS A 25 0.47 5.99 -8.74
C CYS A 25 -0.49 7.06 -9.28
N ASP A 26 0.03 8.28 -9.47
CA ASP A 26 -0.70 9.42 -9.99
C ASP A 26 -1.23 9.14 -11.40
N LYS A 27 -0.70 8.14 -12.11
CA LYS A 27 -1.11 7.79 -13.46
C LYS A 27 -2.05 6.57 -13.51
N LEU A 28 -2.45 6.03 -12.37
CA LEU A 28 -3.35 4.88 -12.45
C LEU A 28 -4.71 5.31 -12.95
N PRO A 29 -5.50 4.37 -13.53
CA PRO A 29 -6.85 4.64 -14.00
C PRO A 29 -7.73 5.10 -12.83
N LYS A 30 -8.74 5.92 -13.20
CA LYS A 30 -9.69 6.49 -12.28
C LYS A 30 -11.06 6.35 -12.94
N VAL A 31 -11.71 5.22 -12.72
CA VAL A 31 -13.00 4.94 -13.33
C VAL A 31 -14.07 5.70 -12.54
N PRO A 32 -15.26 5.97 -13.13
CA PRO A 32 -16.38 6.59 -12.41
C PRO A 32 -16.77 5.72 -11.24
N VAL A 33 -16.98 6.40 -10.11
CA VAL A 33 -17.51 5.78 -8.91
C VAL A 33 -18.95 5.35 -9.19
N PRO A 34 -19.27 4.05 -9.15
CA PRO A 34 -20.66 3.62 -9.28
C PRO A 34 -21.56 4.23 -8.19
N PRO A 35 -22.89 4.29 -8.47
CA PRO A 35 -23.87 4.71 -7.47
C PRO A 35 -23.68 3.84 -6.24
N LEU A 36 -23.92 4.43 -5.08
CA LEU A 36 -23.78 3.74 -3.81
C LEU A 36 -24.62 2.48 -3.74
N GLU A 37 -25.79 2.48 -4.38
CA GLU A 37 -26.62 1.30 -4.38
C GLU A 37 -25.87 0.06 -4.92
N GLU A 38 -24.98 0.22 -5.92
CA GLU A 38 -24.29 -0.93 -6.50
C GLU A 38 -23.34 -1.56 -5.49
N PHE A 39 -22.72 -0.71 -4.67
CA PHE A 39 -21.89 -1.19 -3.56
C PHE A 39 -22.73 -1.87 -2.50
N ILE A 40 -23.85 -1.27 -2.09
CA ILE A 40 -24.63 -1.89 -1.03
C ILE A 40 -25.18 -3.25 -1.48
N LYS A 41 -25.61 -3.35 -2.76
CA LYS A 41 -26.04 -4.65 -3.26
C LYS A 41 -24.90 -5.67 -3.31
N SER A 42 -23.63 -5.25 -3.27
CA SER A 42 -22.46 -6.15 -3.28
C SER A 42 -22.08 -6.64 -1.86
N ASN A 43 -22.62 -5.99 -0.81
CA ASN A 43 -22.24 -6.27 0.56
C ASN A 43 -22.52 -7.73 0.88
N PRO A 44 -21.72 -8.40 1.72
CA PRO A 44 -20.37 -7.95 2.08
C PRO A 44 -19.32 -8.42 1.05
N LEU A 45 -18.17 -7.72 0.97
CA LEU A 45 -17.09 -8.17 0.13
C LEU A 45 -15.86 -8.51 0.99
N GLN A 46 -14.85 -9.17 0.43
CA GLN A 46 -13.60 -9.37 1.14
C GLN A 46 -12.45 -8.84 0.31
N PHE A 47 -11.37 -8.43 0.99
CA PHE A 47 -10.20 -7.94 0.31
C PHE A 47 -9.26 -9.11 0.05
N ALA A 48 -9.04 -9.38 -1.23
CA ALA A 48 -8.15 -10.44 -1.68
C ALA A 48 -6.70 -9.95 -1.72
N TYR A 49 -6.51 -8.68 -2.17
CA TYR A 49 -5.20 -8.05 -2.24
C TYR A 49 -5.23 -6.70 -1.55
N VAL A 50 -4.23 -6.47 -0.67
CA VAL A 50 -4.03 -5.20 0.01
C VAL A 50 -2.55 -4.86 0.04
N LEU A 51 -2.20 -3.62 0.47
CA LEU A 51 -0.80 -3.21 0.50
C LEU A 51 -0.23 -3.36 1.91
N THR A 52 -0.78 -2.63 2.90
CA THR A 52 -0.31 -2.81 4.27
C THR A 52 -1.01 -4.00 4.91
N ASP A 53 -0.49 -4.46 6.07
CA ASP A 53 -1.05 -5.65 6.71
C ASP A 53 -2.33 -5.32 7.52
N THR A 54 -2.67 -4.03 7.62
CA THR A 54 -3.88 -3.55 8.28
C THR A 54 -5.12 -4.29 7.74
N PHE A 55 -5.25 -4.46 6.41
CA PHE A 55 -6.49 -4.92 5.81
C PHE A 55 -6.41 -6.39 5.39
N ASP A 56 -5.49 -7.16 6.01
CA ASP A 56 -5.51 -8.60 5.88
C ASP A 56 -6.76 -9.15 6.59
N CYS A 57 -7.28 -10.29 6.09
CA CYS A 57 -8.36 -11.01 6.78
C CYS A 57 -9.56 -10.08 7.04
N THR A 58 -9.92 -9.29 6.02
CA THR A 58 -10.81 -8.16 6.26
C THR A 58 -12.04 -8.29 5.33
N THR A 59 -13.20 -7.97 5.88
CA THR A 59 -14.48 -7.87 5.16
C THR A 59 -14.94 -6.40 5.11
N ARG A 60 -15.39 -5.98 3.93
CA ARG A 60 -15.91 -4.63 3.70
C ARG A 60 -17.47 -4.65 3.62
N VAL A 61 -18.09 -3.72 4.35
CA VAL A 61 -19.51 -3.42 4.29
C VAL A 61 -19.68 -1.91 4.06
N TYR A 62 -20.46 -1.57 3.05
CA TYR A 62 -20.81 -0.18 2.77
C TYR A 62 -22.15 0.17 3.40
N VAL A 63 -22.20 1.39 3.96
CA VAL A 63 -23.37 1.86 4.69
C VAL A 63 -23.75 3.23 4.14
N GLN A 64 -25.05 3.42 3.90
CA GLN A 64 -25.57 4.70 3.45
C GLN A 64 -25.45 5.71 4.59
N PRO A 65 -25.56 7.02 4.29
CA PRO A 65 -25.52 8.03 5.33
C PRO A 65 -26.71 7.83 6.28
N ALA A 66 -26.51 8.11 7.58
CA ALA A 66 -27.58 8.18 8.55
C ALA A 66 -28.61 9.22 8.09
N ARG A 67 -29.89 8.89 8.32
N ARG A 67 -29.89 8.94 8.35
CA ARG A 67 -31.03 9.76 8.05
CA ARG A 67 -30.97 9.83 7.91
C ARG A 67 -30.72 11.23 8.38
C ARG A 67 -30.72 11.27 8.36
N LEU A 68 -30.22 11.45 9.60
CA LEU A 68 -30.00 12.78 10.18
C LEU A 68 -28.60 13.36 9.93
N SER A 69 -27.78 12.64 9.15
CA SER A 69 -26.45 13.12 8.78
C SER A 69 -26.48 14.52 8.14
N PRO A 70 -25.78 15.50 8.74
CA PRO A 70 -25.70 16.82 8.15
C PRO A 70 -25.06 16.83 6.76
N ASN A 71 -24.04 15.97 6.47
CA ASN A 71 -23.28 16.08 5.20
C ASN A 71 -23.63 14.98 4.18
N GLN A 72 -24.46 13.99 4.54
CA GLN A 72 -24.87 12.88 3.70
C GLN A 72 -23.66 12.05 3.21
N ALA A 73 -22.63 11.93 4.06
CA ALA A 73 -21.50 11.04 3.80
C ALA A 73 -21.88 9.58 4.05
N ALA A 74 -21.64 8.71 3.06
CA ALA A 74 -21.70 7.27 3.26
C ALA A 74 -20.49 6.81 4.07
N THR A 75 -20.48 5.54 4.49
CA THR A 75 -19.45 4.99 5.36
C THR A 75 -19.00 3.63 4.83
N ALA A 76 -17.65 3.45 4.83
CA ALA A 76 -17.00 2.17 4.56
C ALA A 76 -16.57 1.54 5.87
N LEU A 77 -17.07 0.33 6.12
CA LEU A 77 -16.69 -0.45 7.29
C LEU A 77 -15.69 -1.52 6.87
N ASP A 78 -14.51 -1.51 7.53
CA ASP A 78 -13.47 -2.51 7.31
C ASP A 78 -13.35 -3.34 8.59
N ILE A 79 -13.85 -4.58 8.48
CA ILE A 79 -14.10 -5.44 9.63
C ILE A 79 -13.14 -6.63 9.65
N ARG A 80 -12.41 -6.74 10.76
CA ARG A 80 -11.41 -7.78 10.92
C ARG A 80 -11.64 -8.41 12.28
N GLY A 81 -12.45 -9.48 12.32
CA GLY A 81 -12.83 -10.10 13.58
C GLY A 81 -13.75 -9.21 14.39
N SER A 82 -13.29 -8.86 15.61
CA SER A 82 -13.98 -8.01 16.56
C SER A 82 -13.49 -6.58 16.51
N ARG A 83 -12.67 -6.26 15.49
CA ARG A 83 -12.17 -4.90 15.31
C ARG A 83 -12.76 -4.33 14.02
N ILE A 84 -12.89 -3.00 13.99
CA ILE A 84 -13.47 -2.30 12.84
C ILE A 84 -12.72 -0.99 12.64
N ILE A 85 -12.51 -0.65 11.38
CA ILE A 85 -12.05 0.66 10.97
C ILE A 85 -13.16 1.30 10.15
N THR A 86 -13.49 2.55 10.45
CA THR A 86 -14.57 3.19 9.73
C THR A 86 -14.06 4.46 9.06
N ASN A 87 -14.54 4.70 7.83
CA ASN A 87 -14.26 5.89 7.06
C ASN A 87 -15.54 6.42 6.42
N ASP A 88 -15.94 7.65 6.77
CA ASP A 88 -16.93 8.34 5.96
C ASP A 88 -16.29 8.70 4.62
N PHE A 89 -17.12 8.77 3.56
CA PHE A 89 -16.62 9.24 2.29
C PHE A 89 -17.64 10.09 1.58
N VAL A 90 -17.10 10.99 0.78
CA VAL A 90 -17.88 11.76 -0.19
C VAL A 90 -17.09 11.83 -1.48
N GLY A 91 -17.83 12.00 -2.58
CA GLY A 91 -17.28 12.19 -3.90
C GLY A 91 -16.49 13.48 -3.99
N GLY A 92 -15.44 13.43 -4.82
CA GLY A 92 -14.59 14.56 -5.08
C GLY A 92 -14.35 14.67 -6.58
N PRO A 93 -13.54 15.62 -7.04
CA PRO A 93 -13.29 15.74 -8.47
C PRO A 93 -12.39 14.61 -8.97
N ASN A 94 -12.41 14.41 -10.29
CA ASN A 94 -11.59 13.44 -11.02
C ASN A 94 -11.92 12.00 -10.61
N ASN A 95 -13.18 11.76 -10.21
CA ASN A 95 -13.67 10.44 -9.84
C ASN A 95 -13.02 9.98 -8.52
N SER A 96 -12.64 10.94 -7.65
CA SER A 96 -12.09 10.68 -6.34
C SER A 96 -13.19 10.47 -5.31
N ALA A 97 -12.82 9.76 -4.24
CA ALA A 97 -13.56 9.78 -2.99
C ALA A 97 -12.63 10.31 -1.90
N ILE A 98 -13.14 11.25 -1.10
CA ILE A 98 -12.34 11.72 0.02
C ILE A 98 -12.85 11.01 1.26
N LEU A 99 -11.94 10.24 1.90
CA LEU A 99 -12.24 9.45 3.08
C LEU A 99 -11.87 10.21 4.35
N ASN A 100 -12.73 10.09 5.37
CA ASN A 100 -12.53 10.68 6.69
C ASN A 100 -12.54 9.59 7.75
N ASN A 101 -11.34 9.26 8.28
CA ASN A 101 -11.24 8.21 9.29
C ASN A 101 -12.03 8.66 10.51
N CYS A 102 -13.00 7.86 10.94
CA CYS A 102 -13.94 8.31 11.98
C CYS A 102 -13.33 8.34 13.39
N THR A 103 -12.27 7.56 13.57
CA THR A 103 -11.47 7.47 14.80
C THR A 103 -10.47 8.63 14.88
N THR A 104 -9.78 8.97 13.78
CA THR A 104 -8.60 9.84 13.86
C THR A 104 -8.90 11.20 13.24
N GLY A 105 -9.85 11.27 12.32
CA GLY A 105 -9.99 12.48 11.53
C GLY A 105 -9.03 12.55 10.33
N GLU A 106 -8.19 11.53 10.11
CA GLU A 106 -7.27 11.57 8.98
C GLU A 106 -8.05 11.44 7.66
N LYS A 107 -7.72 12.27 6.67
CA LYS A 107 -8.36 12.29 5.37
C LYS A 107 -7.41 11.65 4.38
N ALA A 108 -7.97 11.02 3.36
CA ALA A 108 -7.24 10.48 2.24
C ALA A 108 -8.11 10.53 1.00
N THR A 109 -7.44 10.74 -0.14
CA THR A 109 -8.07 10.80 -1.45
C THR A 109 -7.88 9.44 -2.16
N TRP A 110 -9.01 8.76 -2.43
CA TRP A 110 -9.06 7.44 -3.07
C TRP A 110 -9.65 7.52 -4.48
N TYR A 111 -9.21 6.54 -5.28
CA TYR A 111 -9.70 6.30 -6.61
C TYR A 111 -9.95 4.80 -6.82
N PHE A 112 -10.77 4.50 -7.81
CA PHE A 112 -10.98 3.13 -8.28
C PHE A 112 -10.16 2.92 -9.54
N GLN A 113 -9.27 1.93 -9.48
CA GLN A 113 -8.56 1.46 -10.65
C GLN A 113 -9.54 0.86 -11.68
N TYR A 114 -10.49 0.06 -11.16
CA TYR A 114 -11.61 -0.44 -11.95
C TYR A 114 -12.71 -0.83 -10.95
N THR A 115 -13.95 -0.93 -11.47
CA THR A 115 -15.05 -1.56 -10.74
C THR A 115 -15.76 -2.51 -11.72
N ASN A 116 -16.26 -3.61 -11.18
CA ASN A 116 -17.04 -4.57 -11.96
C ASN A 116 -18.07 -5.15 -11.02
N LEU A 117 -19.08 -4.35 -10.69
CA LEU A 117 -20.03 -4.70 -9.63
C LEU A 117 -21.24 -5.40 -10.23
N ASN A 118 -21.71 -6.41 -9.53
CA ASN A 118 -23.02 -7.04 -9.73
C ASN A 118 -23.07 -7.68 -11.11
N THR A 119 -22.00 -8.39 -11.51
CA THR A 119 -22.01 -9.10 -12.78
C THR A 119 -22.73 -10.43 -12.53
N PRO A 120 -22.99 -11.27 -13.56
CA PRO A 120 -23.50 -12.62 -13.30
C PRO A 120 -22.53 -13.52 -12.52
N ASN A 121 -21.28 -13.06 -12.34
CA ASN A 121 -20.28 -13.80 -11.57
C ASN A 121 -19.91 -12.98 -10.32
N GLY A 122 -20.79 -12.08 -9.83
CA GLY A 122 -20.54 -11.32 -8.62
C GLY A 122 -19.81 -10.00 -8.92
N SER A 123 -19.19 -9.48 -7.86
CA SER A 123 -18.62 -8.14 -7.83
C SER A 123 -17.13 -8.20 -7.56
N SER A 124 -16.39 -7.33 -8.20
CA SER A 124 -15.02 -7.05 -7.79
C SER A 124 -14.70 -5.59 -8.05
N TYR A 125 -13.68 -5.10 -7.34
CA TYR A 125 -13.08 -3.84 -7.70
C TYR A 125 -11.65 -3.81 -7.13
N CYS A 126 -10.87 -2.84 -7.63
CA CYS A 126 -9.62 -2.45 -6.96
C CYS A 126 -9.58 -0.92 -6.84
N ALA A 127 -9.28 -0.48 -5.61
CA ALA A 127 -9.13 0.93 -5.30
C ALA A 127 -7.75 1.21 -4.67
N TYR A 128 -7.37 2.49 -4.65
CA TYR A 128 -6.04 2.87 -4.20
C TYR A 128 -6.04 4.32 -3.73
N THR A 129 -5.06 4.63 -2.90
CA THR A 129 -4.71 5.99 -2.53
C THR A 129 -3.20 6.15 -2.67
N CYS A 130 -2.77 7.32 -3.13
CA CYS A 130 -1.39 7.61 -3.49
C CYS A 130 -0.72 8.51 -2.46
N ASN A 131 0.60 8.36 -2.30
CA ASN A 131 1.42 9.31 -1.58
C ASN A 131 2.28 9.91 -2.67
N GLY A 132 1.70 10.84 -3.43
CA GLY A 132 2.34 11.35 -4.64
C GLY A 132 2.45 10.29 -5.75
N GLU A 133 3.69 9.89 -6.10
CA GLU A 133 3.92 8.95 -7.18
C GLU A 133 3.97 7.51 -6.64
N GLU A 134 3.96 7.32 -5.33
CA GLU A 134 3.90 6.00 -4.78
C GLU A 134 2.47 5.65 -4.36
N ILE A 135 2.18 4.37 -4.34
CA ILE A 135 0.94 3.89 -3.78
C ILE A 135 1.08 3.74 -2.26
N ALA A 136 0.13 4.34 -1.53
CA ALA A 136 0.13 4.30 -0.08
C ALA A 136 -0.74 3.18 0.49
N GLU A 137 -1.88 2.88 -0.17
CA GLU A 137 -2.75 1.78 0.23
C GLU A 137 -3.46 1.28 -1.03
N TYR A 138 -3.82 0.00 -0.98
CA TYR A 138 -4.46 -0.69 -2.07
C TYR A 138 -5.44 -1.69 -1.48
N LYS A 139 -6.62 -1.77 -2.09
CA LYS A 139 -7.69 -2.63 -1.60
C LYS A 139 -8.40 -3.20 -2.84
N CYS A 140 -8.24 -4.50 -3.06
CA CYS A 140 -8.97 -5.22 -4.08
C CYS A 140 -10.02 -6.09 -3.42
N ALA A 141 -11.30 -5.73 -3.66
CA ALA A 141 -12.40 -6.41 -3.01
C ALA A 141 -13.14 -7.32 -4.02
N ASN A 142 -13.73 -8.41 -3.52
CA ASN A 142 -14.63 -9.21 -4.31
C ASN A 142 -15.55 -10.05 -3.43
N ASN A 143 -16.53 -10.69 -4.08
CA ASN A 143 -17.36 -11.69 -3.40
C ASN A 143 -17.46 -12.98 -4.22
N ASN A 144 -16.45 -13.26 -5.04
CA ASN A 144 -16.50 -14.39 -5.96
C ASN A 144 -15.21 -15.22 -5.86
N ASN A 145 -14.55 -15.19 -4.69
CA ASN A 145 -13.31 -15.94 -4.48
C ASN A 145 -12.18 -15.57 -5.45
N GLY A 146 -12.12 -14.33 -5.92
CA GLY A 146 -10.99 -13.83 -6.72
C GLY A 146 -10.97 -14.32 -8.16
N THR A 147 -12.12 -14.68 -8.74
CA THR A 147 -12.18 -15.26 -10.07
C THR A 147 -12.35 -14.21 -11.16
N ASP A 148 -12.63 -12.94 -10.82
CA ASP A 148 -12.78 -11.97 -11.90
C ASP A 148 -11.45 -11.77 -12.63
N PRO A 149 -11.35 -11.98 -13.96
CA PRO A 149 -10.08 -11.72 -14.67
C PRO A 149 -9.55 -10.29 -14.62
N LEU A 150 -10.46 -9.31 -14.39
CA LEU A 150 -10.07 -7.90 -14.25
C LEU A 150 -9.18 -7.73 -13.03
N GLN A 151 -9.45 -8.51 -11.99
CA GLN A 151 -8.80 -8.29 -10.72
C GLN A 151 -7.31 -8.70 -10.83
N LYS A 152 -7.04 -9.85 -11.43
CA LYS A 152 -5.69 -10.31 -11.73
C LYS A 152 -4.85 -9.28 -12.48
N GLN A 153 -5.32 -8.79 -13.65
CA GLN A 153 -4.60 -7.79 -14.44
C GLN A 153 -4.39 -6.50 -13.63
N ALA A 154 -5.39 -6.10 -12.83
CA ALA A 154 -5.31 -4.85 -12.08
C ALA A 154 -4.18 -4.94 -11.05
N VAL A 155 -4.16 -6.03 -10.29
CA VAL A 155 -3.14 -6.28 -9.28
C VAL A 155 -1.72 -6.22 -9.88
N GLU A 156 -1.53 -6.85 -11.05
CA GLU A 156 -0.24 -6.88 -11.72
C GLU A 156 0.24 -5.47 -12.05
N VAL A 157 -0.71 -4.64 -12.54
CA VAL A 157 -0.41 -3.27 -12.89
C VAL A 157 -0.02 -2.47 -11.65
N ALA A 158 -0.81 -2.57 -10.57
CA ALA A 158 -0.63 -1.76 -9.38
C ALA A 158 0.69 -2.12 -8.68
N LYS A 159 1.07 -3.39 -8.73
CA LYS A 159 2.33 -3.80 -8.07
C LYS A 159 3.55 -3.07 -8.65
N LYS A 160 3.48 -2.64 -9.91
CA LYS A 160 4.63 -2.11 -10.60
C LYS A 160 4.87 -0.62 -10.34
N VAL A 161 3.93 0.05 -9.62
CA VAL A 161 4.17 1.45 -9.31
C VAL A 161 5.02 1.52 -8.05
N PRO A 162 5.72 2.66 -7.79
CA PRO A 162 6.53 2.80 -6.58
C PRO A 162 5.73 2.41 -5.35
N ASN A 163 6.36 1.57 -4.50
CA ASN A 163 5.81 1.00 -3.28
C ASN A 163 4.83 -0.17 -3.55
N GLY A 164 4.54 -0.52 -4.80
CA GLY A 164 3.48 -1.51 -5.07
C GLY A 164 3.93 -2.94 -4.85
N ASP A 165 5.24 -3.14 -4.64
CA ASP A 165 5.80 -4.44 -4.35
C ASP A 165 5.26 -4.96 -3.04
N LYS A 166 4.80 -4.10 -2.12
CA LYS A 166 4.21 -4.57 -0.87
C LYS A 166 2.81 -5.20 -1.03
N ILE A 167 2.11 -4.95 -2.16
CA ILE A 167 0.78 -5.49 -2.39
C ILE A 167 0.87 -7.01 -2.35
N HIS A 168 -0.05 -7.60 -1.56
CA HIS A 168 0.01 -9.03 -1.31
C HIS A 168 -1.39 -9.63 -1.21
N TYR A 169 -1.44 -10.95 -1.33
CA TYR A 169 -2.61 -11.74 -1.04
C TYR A 169 -2.92 -11.72 0.45
N ALA A 170 -4.17 -11.37 0.75
CA ALA A 170 -4.52 -10.88 2.06
C ALA A 170 -5.29 -11.93 2.88
N LEU A 171 -5.59 -13.09 2.30
CA LEU A 171 -6.54 -14.00 2.92
C LEU A 171 -5.91 -15.35 3.31
N ASP A 172 -4.58 -15.43 3.45
CA ASP A 172 -3.93 -16.67 3.90
C ASP A 172 -3.82 -16.67 5.42
N ASN A 173 -4.13 -17.81 6.03
CA ASN A 173 -3.92 -18.02 7.47
C ASN A 173 -4.72 -17.06 8.34
N CYS A 174 -5.97 -16.80 7.93
CA CYS A 174 -6.86 -15.96 8.71
C CYS A 174 -7.49 -16.80 9.83
N PRO A 175 -7.99 -16.19 10.94
CA PRO A 175 -8.60 -16.95 12.03
C PRO A 175 -9.81 -17.77 11.63
N GLU A 176 -10.00 -18.88 12.36
CA GLU A 176 -11.11 -19.80 12.13
C GLU A 176 -12.43 -19.09 12.48
N HIS A 177 -13.46 -19.39 11.70
CA HIS A 177 -14.82 -18.90 11.95
C HIS A 177 -15.47 -19.76 13.04
N HIS A 178 -16.58 -19.26 13.63
CA HIS A 178 -17.38 -19.99 14.61
C HIS A 178 -18.83 -20.03 14.16
N GLY A 179 -19.09 -20.55 12.96
CA GLY A 179 -20.46 -20.73 12.50
C GLY A 179 -21.03 -19.60 11.62
N CYS A 180 -20.33 -18.46 11.45
CA CYS A 180 -20.80 -17.45 10.50
C CYS A 180 -19.94 -17.50 9.24
N PHE A 181 -20.55 -17.29 8.08
CA PHE A 181 -19.81 -17.42 6.84
C PHE A 181 -18.85 -16.24 6.66
N ALA A 182 -19.26 -15.02 6.99
CA ALA A 182 -18.52 -13.86 6.49
C ALA A 182 -17.83 -13.09 7.62
N PHE A 183 -18.03 -13.50 8.86
CA PHE A 183 -17.52 -12.82 10.04
C PHE A 183 -16.97 -13.88 11.02
N TYR A 184 -16.07 -13.45 11.92
CA TYR A 184 -15.36 -14.35 12.82
C TYR A 184 -14.99 -13.65 14.13
N MET B 23 18.89 -30.20 -1.71
CA MET B 23 17.56 -30.86 -1.64
C MET B 23 16.60 -30.05 -0.75
N THR B 24 16.99 -29.55 0.44
CA THR B 24 16.17 -28.52 1.12
C THR B 24 16.94 -27.19 1.18
N CYS B 25 16.22 -26.08 1.41
CA CYS B 25 16.79 -24.75 1.26
C CYS B 25 17.97 -24.53 2.22
N ASP B 26 17.81 -25.03 3.46
CA ASP B 26 18.79 -24.89 4.53
C ASP B 26 20.10 -25.60 4.19
N LYS B 27 20.08 -26.54 3.23
CA LYS B 27 21.26 -27.32 2.80
C LYS B 27 21.88 -26.82 1.49
N LEU B 28 21.36 -25.75 0.87
CA LEU B 28 21.94 -25.23 -0.37
C LEU B 28 23.36 -24.74 -0.09
N PRO B 29 24.24 -24.71 -1.13
CA PRO B 29 25.58 -24.14 -1.00
C PRO B 29 25.53 -22.69 -0.51
N LYS B 30 26.60 -22.26 0.21
CA LYS B 30 26.78 -20.91 0.76
C LYS B 30 28.24 -20.48 0.54
N VAL B 31 28.48 -19.92 -0.65
CA VAL B 31 29.80 -19.50 -1.06
C VAL B 31 30.11 -18.17 -0.40
N PRO B 32 31.40 -17.85 -0.25
CA PRO B 32 31.80 -16.57 0.32
C PRO B 32 31.23 -15.41 -0.50
N VAL B 33 30.80 -14.38 0.21
CA VAL B 33 30.34 -13.16 -0.45
C VAL B 33 31.57 -12.50 -1.07
N PRO B 34 31.63 -12.24 -2.40
CA PRO B 34 32.76 -11.48 -2.96
C PRO B 34 32.93 -10.08 -2.36
N PRO B 35 34.13 -9.51 -2.45
CA PRO B 35 34.33 -8.11 -2.05
C PRO B 35 33.33 -7.21 -2.80
N LEU B 36 32.90 -6.15 -2.14
CA LEU B 36 31.93 -5.22 -2.71
C LEU B 36 32.39 -4.70 -4.07
N GLU B 37 33.70 -4.42 -4.25
CA GLU B 37 34.24 -3.93 -5.49
C GLU B 37 33.88 -4.84 -6.67
N GLU B 38 33.82 -6.16 -6.46
CA GLU B 38 33.52 -7.10 -7.55
C GLU B 38 32.07 -6.91 -8.01
N PHE B 39 31.17 -6.58 -7.07
CA PHE B 39 29.77 -6.34 -7.41
C PHE B 39 29.63 -5.03 -8.15
N ILE B 40 30.35 -4.01 -7.69
CA ILE B 40 30.22 -2.70 -8.30
C ILE B 40 30.77 -2.75 -9.72
N LYS B 41 31.83 -3.57 -9.93
CA LYS B 41 32.42 -3.70 -11.25
C LYS B 41 31.47 -4.44 -12.19
N SER B 42 30.55 -5.23 -11.62
CA SER B 42 29.56 -5.96 -12.40
C SER B 42 28.36 -5.12 -12.80
N ASN B 43 28.17 -3.94 -12.17
CA ASN B 43 26.96 -3.17 -12.34
C ASN B 43 26.80 -2.77 -13.80
N PRO B 44 25.60 -2.72 -14.40
CA PRO B 44 24.36 -3.28 -13.84
C PRO B 44 24.18 -4.74 -14.22
N LEU B 45 23.41 -5.46 -13.41
CA LEU B 45 22.98 -6.83 -13.72
C LEU B 45 21.46 -6.88 -13.92
N GLN B 46 20.97 -7.99 -14.49
CA GLN B 46 19.53 -8.24 -14.53
C GLN B 46 19.27 -9.64 -14.00
N PHE B 47 18.08 -9.85 -13.45
CA PHE B 47 17.71 -11.17 -12.95
C PHE B 47 17.05 -11.99 -14.05
N ALA B 48 17.71 -13.12 -14.36
CA ALA B 48 17.26 -14.03 -15.39
C ALA B 48 16.24 -15.01 -14.85
N TYR B 49 16.43 -15.44 -13.59
CA TYR B 49 15.54 -16.37 -12.91
C TYR B 49 15.27 -15.88 -11.50
N VAL B 50 13.97 -15.84 -11.14
CA VAL B 50 13.52 -15.44 -9.80
C VAL B 50 12.38 -16.37 -9.36
N LEU B 51 12.02 -16.32 -8.06
CA LEU B 51 10.96 -17.17 -7.53
C LEU B 51 9.63 -16.41 -7.59
N THR B 52 9.48 -15.32 -6.84
CA THR B 52 8.20 -14.62 -6.86
C THR B 52 8.16 -13.76 -8.10
N ASP B 53 7.01 -13.10 -8.33
CA ASP B 53 6.83 -12.18 -9.46
C ASP B 53 7.55 -10.82 -9.22
N THR B 54 7.98 -10.54 -7.97
CA THR B 54 8.48 -9.22 -7.53
C THR B 54 9.64 -8.77 -8.42
N PHE B 55 10.59 -9.69 -8.66
CA PHE B 55 11.87 -9.33 -9.25
C PHE B 55 11.85 -9.66 -10.73
N ASP B 56 10.64 -9.85 -11.33
CA ASP B 56 10.57 -9.92 -12.80
C ASP B 56 10.99 -8.58 -13.39
N CYS B 57 11.56 -8.64 -14.60
CA CYS B 57 11.93 -7.49 -15.43
C CYS B 57 12.76 -6.44 -14.68
N THR B 58 13.74 -6.90 -13.89
CA THR B 58 14.39 -6.08 -12.88
C THR B 58 15.89 -6.00 -13.16
N THR B 59 16.47 -4.81 -12.90
CA THR B 59 17.89 -4.50 -12.98
C THR B 59 18.37 -4.21 -11.57
N ARG B 60 19.49 -4.85 -11.22
CA ARG B 60 20.16 -4.70 -9.93
C ARG B 60 21.40 -3.78 -10.09
N VAL B 61 21.54 -2.84 -9.15
CA VAL B 61 22.73 -1.99 -9.02
C VAL B 61 23.14 -1.99 -7.55
N TYR B 62 24.43 -2.27 -7.34
CA TYR B 62 25.11 -2.20 -6.06
C TYR B 62 25.73 -0.82 -5.85
N VAL B 63 25.56 -0.32 -4.63
CA VAL B 63 26.06 0.99 -4.24
C VAL B 63 26.87 0.87 -2.96
N GLN B 64 28.00 1.56 -2.95
CA GLN B 64 28.79 1.62 -1.72
C GLN B 64 28.04 2.45 -0.66
N PRO B 65 28.43 2.33 0.62
CA PRO B 65 27.92 3.21 1.67
C PRO B 65 28.20 4.69 1.39
N ALA B 66 27.27 5.56 1.79
CA ALA B 66 27.48 7.00 1.80
C ALA B 66 28.69 7.31 2.69
N ARG B 67 29.44 8.33 2.28
CA ARG B 67 30.63 8.82 2.96
C ARG B 67 30.37 8.93 4.47
N LEU B 68 29.22 9.52 4.81
CA LEU B 68 28.91 9.87 6.18
C LEU B 68 28.13 8.77 6.90
N SER B 69 27.85 7.62 6.27
CA SER B 69 27.11 6.55 6.94
C SER B 69 27.98 5.99 8.07
N PRO B 70 27.51 5.99 9.33
CA PRO B 70 28.32 5.47 10.45
C PRO B 70 28.57 3.97 10.29
N ASN B 71 27.53 3.22 9.86
CA ASN B 71 27.61 1.77 9.81
C ASN B 71 28.33 1.26 8.56
N GLN B 72 28.43 2.09 7.51
CA GLN B 72 29.14 1.75 6.27
C GLN B 72 28.50 0.51 5.60
N ALA B 73 27.19 0.30 5.75
CA ALA B 73 26.47 -0.72 4.97
C ALA B 73 26.35 -0.29 3.49
N ALA B 74 26.62 -1.24 2.59
CA ALA B 74 26.37 -1.07 1.18
C ALA B 74 24.88 -1.30 0.93
N THR B 75 24.45 -0.99 -0.29
CA THR B 75 23.03 -1.01 -0.65
C THR B 75 22.82 -1.72 -1.99
N ALA B 76 21.79 -2.57 -2.00
CA ALA B 76 21.30 -3.19 -3.22
C ALA B 76 20.03 -2.46 -3.68
N LEU B 77 20.10 -2.04 -4.95
CA LEU B 77 19.03 -1.37 -5.67
C LEU B 77 18.41 -2.33 -6.68
N ASP B 78 17.13 -2.63 -6.47
CA ASP B 78 16.35 -3.43 -7.41
C ASP B 78 15.33 -2.56 -8.16
N ILE B 79 15.60 -2.36 -9.45
CA ILE B 79 14.97 -1.37 -10.27
C ILE B 79 14.12 -2.05 -11.35
N ARG B 80 12.82 -1.70 -11.32
CA ARG B 80 11.86 -2.20 -12.29
C ARG B 80 11.03 -1.03 -12.81
N GLY B 81 11.43 -0.47 -13.95
CA GLY B 81 10.77 0.72 -14.46
C GLY B 81 11.02 1.94 -13.56
N SER B 82 9.94 2.58 -13.04
CA SER B 82 10.01 3.71 -12.11
C SER B 82 10.02 3.29 -10.64
N ARG B 83 9.95 1.99 -10.38
CA ARG B 83 9.90 1.43 -9.06
C ARG B 83 11.31 1.00 -8.64
N ILE B 84 11.65 1.30 -7.38
CA ILE B 84 12.89 0.85 -6.81
C ILE B 84 12.62 0.25 -5.44
N ILE B 85 13.23 -0.91 -5.20
CA ILE B 85 13.33 -1.56 -3.91
C ILE B 85 14.79 -1.45 -3.48
N THR B 86 14.98 -1.02 -2.23
CA THR B 86 16.30 -0.77 -1.68
C THR B 86 16.51 -1.58 -0.40
N ASN B 87 17.70 -2.15 -0.25
CA ASN B 87 18.10 -2.94 0.89
C ASN B 87 19.57 -2.66 1.18
N ASP B 88 19.84 -2.07 2.34
CA ASP B 88 21.17 -2.13 2.91
C ASP B 88 21.48 -3.59 3.23
N PHE B 89 22.78 -3.93 3.20
CA PHE B 89 23.19 -5.29 3.55
C PHE B 89 24.53 -5.23 4.28
N VAL B 90 24.70 -6.19 5.22
CA VAL B 90 25.99 -6.40 5.85
C VAL B 90 26.24 -7.90 5.91
N GLY B 91 27.52 -8.28 6.00
CA GLY B 91 27.92 -9.66 6.20
C GLY B 91 27.39 -10.21 7.52
N GLY B 92 27.00 -11.48 7.50
CA GLY B 92 26.63 -12.18 8.71
C GLY B 92 27.38 -13.52 8.78
N PRO B 93 27.04 -14.41 9.74
CA PRO B 93 27.70 -15.71 9.84
C PRO B 93 27.28 -16.68 8.72
N ASN B 94 28.15 -17.67 8.51
CA ASN B 94 27.94 -18.74 7.55
C ASN B 94 27.85 -18.17 6.13
N ASN B 95 28.67 -17.16 5.80
CA ASN B 95 28.69 -16.59 4.47
C ASN B 95 27.31 -15.97 4.11
N SER B 96 26.57 -15.47 5.13
CA SER B 96 25.27 -14.85 4.91
C SER B 96 25.47 -13.37 4.60
N ALA B 97 24.43 -12.76 3.99
CA ALA B 97 24.22 -11.31 4.00
C ALA B 97 22.86 -11.03 4.65
N ILE B 98 22.83 -10.07 5.58
CA ILE B 98 21.59 -9.66 6.22
C ILE B 98 21.18 -8.34 5.58
N LEU B 99 20.01 -8.39 4.93
CA LEU B 99 19.43 -7.25 4.23
C LEU B 99 18.46 -6.51 5.15
N ASN B 100 18.57 -5.19 5.14
CA ASN B 100 17.63 -4.34 5.86
C ASN B 100 16.82 -3.60 4.82
N ASN B 101 15.52 -3.89 4.71
CA ASN B 101 14.65 -3.18 3.78
C ASN B 101 14.54 -1.73 4.20
N CYS B 102 14.82 -0.78 3.30
CA CYS B 102 15.00 0.61 3.67
C CYS B 102 13.67 1.36 3.94
N THR B 103 12.54 0.73 3.55
CA THR B 103 11.22 1.32 3.76
C THR B 103 10.57 0.76 5.04
N THR B 104 11.00 -0.42 5.53
CA THR B 104 10.29 -1.12 6.59
C THR B 104 11.21 -1.52 7.72
N GLY B 105 12.52 -1.69 7.49
CA GLY B 105 13.38 -2.13 8.58
C GLY B 105 13.33 -3.64 8.79
N GLU B 106 12.61 -4.34 7.93
CA GLU B 106 12.56 -5.79 7.93
C GLU B 106 13.91 -6.37 7.46
N LYS B 107 14.35 -7.44 8.14
CA LYS B 107 15.61 -8.13 7.91
C LYS B 107 15.32 -9.45 7.22
N ALA B 108 16.23 -9.86 6.34
CA ALA B 108 16.21 -11.16 5.67
C ALA B 108 17.66 -11.64 5.55
N THR B 109 17.85 -12.95 5.74
CA THR B 109 19.14 -13.60 5.65
C THR B 109 19.27 -14.27 4.29
N TRP B 110 20.28 -13.80 3.54
CA TRP B 110 20.51 -14.25 2.19
C TRP B 110 21.84 -14.98 2.09
N TYR B 111 21.90 -15.88 1.12
CA TYR B 111 23.12 -16.59 0.77
C TYR B 111 23.31 -16.59 -0.74
N PHE B 112 24.56 -16.81 -1.17
CA PHE B 112 24.86 -17.11 -2.55
C PHE B 112 25.02 -18.61 -2.70
N GLN B 113 24.26 -19.14 -3.66
CA GLN B 113 24.45 -20.49 -4.12
C GLN B 113 25.78 -20.65 -4.87
N TYR B 114 26.10 -19.66 -5.72
CA TYR B 114 27.42 -19.50 -6.34
C TYR B 114 27.57 -18.05 -6.81
N THR B 115 28.82 -17.64 -7.00
CA THR B 115 29.14 -16.38 -7.69
C THR B 115 30.22 -16.67 -8.73
N ASN B 116 30.13 -15.94 -9.85
CA ASN B 116 31.10 -15.98 -10.92
C ASN B 116 31.18 -14.60 -11.57
N LEU B 117 31.81 -13.66 -10.86
CA LEU B 117 31.82 -12.24 -11.22
C LEU B 117 33.07 -11.94 -12.05
N ASN B 118 32.84 -11.11 -13.08
CA ASN B 118 33.91 -10.41 -13.83
C ASN B 118 34.81 -11.45 -14.51
N THR B 119 34.20 -12.47 -15.12
CA THR B 119 34.93 -13.38 -16.00
C THR B 119 35.07 -12.70 -17.35
N PRO B 120 35.86 -13.28 -18.29
CA PRO B 120 35.91 -12.73 -19.65
C PRO B 120 34.59 -12.84 -20.42
N ASN B 121 33.62 -13.59 -19.88
CA ASN B 121 32.29 -13.67 -20.44
C ASN B 121 31.29 -12.95 -19.52
N GLY B 122 31.75 -12.10 -18.59
CA GLY B 122 30.86 -11.29 -17.77
C GLY B 122 30.59 -11.93 -16.41
N SER B 123 29.50 -11.52 -15.76
CA SER B 123 29.25 -11.85 -14.37
C SER B 123 27.95 -12.63 -14.27
N SER B 124 27.94 -13.61 -13.35
CA SER B 124 26.67 -14.19 -12.93
C SER B 124 26.75 -14.57 -11.44
N TYR B 125 25.55 -14.74 -10.84
CA TYR B 125 25.44 -15.31 -9.51
C TYR B 125 24.00 -15.79 -9.32
N CYS B 126 23.80 -16.73 -8.38
CA CYS B 126 22.46 -17.07 -7.89
C CYS B 126 22.48 -16.97 -6.38
N ALA B 127 21.45 -16.31 -5.82
CA ALA B 127 21.35 -16.01 -4.39
C ALA B 127 19.94 -16.42 -3.91
N TYR B 128 19.79 -16.71 -2.63
CA TYR B 128 18.50 -17.19 -2.15
C TYR B 128 18.33 -16.83 -0.69
N THR B 129 17.06 -16.82 -0.25
CA THR B 129 16.68 -16.69 1.16
C THR B 129 15.61 -17.76 1.45
N CYS B 130 15.66 -18.32 2.66
CA CYS B 130 14.94 -19.54 3.01
C CYS B 130 13.81 -19.20 3.96
N ASN B 131 12.75 -20.01 3.87
CA ASN B 131 11.76 -20.11 4.93
C ASN B 131 11.86 -21.52 5.52
N GLY B 132 12.76 -21.72 6.50
CA GLY B 132 13.13 -23.05 6.96
C GLY B 132 13.71 -23.96 5.87
N GLU B 133 12.95 -24.97 5.44
CA GLU B 133 13.41 -25.90 4.41
C GLU B 133 12.97 -25.48 3.01
N GLU B 134 12.08 -24.50 2.94
CA GLU B 134 11.59 -23.97 1.69
C GLU B 134 12.41 -22.74 1.27
N ILE B 135 12.49 -22.52 -0.03
CA ILE B 135 13.05 -21.26 -0.55
C ILE B 135 11.93 -20.22 -0.62
N ALA B 136 12.17 -19.04 -0.01
CA ALA B 136 11.21 -17.93 0.01
C ALA B 136 11.44 -17.00 -1.18
N GLU B 137 12.71 -16.78 -1.55
CA GLU B 137 13.03 -15.98 -2.73
C GLU B 137 14.37 -16.47 -3.30
N TYR B 138 14.49 -16.30 -4.62
CA TYR B 138 15.61 -16.73 -5.45
C TYR B 138 15.86 -15.66 -6.50
N LYS B 139 17.15 -15.33 -6.65
CA LYS B 139 17.54 -14.32 -7.63
C LYS B 139 18.83 -14.80 -8.33
N CYS B 140 18.76 -15.07 -9.63
CA CYS B 140 19.93 -15.33 -10.45
C CYS B 140 20.15 -14.14 -11.35
N ALA B 141 21.28 -13.45 -11.13
CA ALA B 141 21.69 -12.24 -11.83
C ALA B 141 22.79 -12.55 -12.85
N ASN B 142 22.80 -11.81 -13.96
CA ASN B 142 23.92 -11.81 -14.88
C ASN B 142 23.92 -10.54 -15.73
N ASN B 143 24.99 -10.37 -16.54
CA ASN B 143 25.14 -9.31 -17.54
C ASN B 143 25.65 -9.90 -18.86
N ASN B 144 25.30 -11.17 -19.13
CA ASN B 144 25.78 -11.89 -20.30
C ASN B 144 24.64 -12.68 -20.97
N ASN B 145 23.41 -12.25 -20.74
CA ASN B 145 22.21 -12.88 -21.30
C ASN B 145 22.14 -14.37 -21.01
N GLY B 146 22.49 -14.77 -19.79
CA GLY B 146 22.15 -16.10 -19.31
C GLY B 146 23.05 -17.20 -19.83
N THR B 147 24.30 -16.90 -20.26
CA THR B 147 25.10 -17.91 -20.93
C THR B 147 26.09 -18.59 -19.97
N ASP B 148 26.19 -18.14 -18.73
CA ASP B 148 27.07 -18.84 -17.82
C ASP B 148 26.52 -20.25 -17.59
N PRO B 149 27.30 -21.34 -17.90
CA PRO B 149 26.83 -22.70 -17.62
C PRO B 149 26.63 -22.98 -16.12
N LEU B 150 27.31 -22.24 -15.22
CA LEU B 150 26.99 -22.39 -13.79
C LEU B 150 25.54 -22.03 -13.46
N GLN B 151 24.95 -21.09 -14.21
CA GLN B 151 23.64 -20.57 -13.86
C GLN B 151 22.56 -21.63 -14.14
N LYS B 152 22.66 -22.28 -15.31
CA LYS B 152 21.75 -23.37 -15.67
C LYS B 152 21.74 -24.49 -14.62
N GLN B 153 22.92 -25.00 -14.23
CA GLN B 153 22.99 -26.06 -13.21
C GLN B 153 22.44 -25.55 -11.87
N ALA B 154 22.75 -24.31 -11.45
CA ALA B 154 22.25 -23.79 -10.18
C ALA B 154 20.72 -23.75 -10.14
N VAL B 155 20.10 -23.30 -11.23
CA VAL B 155 18.65 -23.18 -11.32
C VAL B 155 17.99 -24.58 -11.23
N GLU B 156 18.60 -25.58 -11.88
CA GLU B 156 18.08 -26.94 -11.90
C GLU B 156 18.09 -27.52 -10.49
N VAL B 157 19.12 -27.20 -9.70
CA VAL B 157 19.21 -27.65 -8.33
C VAL B 157 18.11 -26.96 -7.50
N ALA B 158 17.99 -25.62 -7.61
CA ALA B 158 17.11 -24.83 -6.74
C ALA B 158 15.64 -25.15 -7.00
N LYS B 159 15.33 -25.46 -8.25
CA LYS B 159 13.96 -25.78 -8.62
C LYS B 159 13.43 -27.03 -7.91
N LYS B 160 14.33 -27.87 -7.39
CA LYS B 160 13.94 -29.15 -6.82
C LYS B 160 13.79 -29.02 -5.30
N VAL B 161 14.16 -27.85 -4.74
CA VAL B 161 13.97 -27.54 -3.32
C VAL B 161 12.49 -27.22 -3.11
N PRO B 162 11.89 -27.48 -1.92
CA PRO B 162 10.48 -27.10 -1.68
C PRO B 162 10.19 -25.61 -1.95
N ASN B 163 9.14 -25.36 -2.74
CA ASN B 163 8.69 -24.06 -3.25
C ASN B 163 9.45 -23.63 -4.50
N GLY B 164 10.48 -24.40 -4.85
CA GLY B 164 11.38 -24.06 -5.94
C GLY B 164 10.75 -24.23 -7.30
N ASP B 165 9.63 -24.97 -7.39
CA ASP B 165 8.83 -25.13 -8.60
C ASP B 165 8.36 -23.77 -9.15
N LYS B 166 8.25 -22.74 -8.30
CA LYS B 166 7.84 -21.41 -8.72
C LYS B 166 8.96 -20.63 -9.43
N ILE B 167 10.21 -21.09 -9.31
CA ILE B 167 11.34 -20.41 -9.96
C ILE B 167 11.08 -20.38 -11.44
N HIS B 168 11.22 -19.19 -12.06
CA HIS B 168 10.88 -19.06 -13.47
C HIS B 168 11.76 -18.03 -14.15
N TYR B 169 11.78 -18.07 -15.47
CA TYR B 169 12.53 -17.11 -16.27
C TYR B 169 11.83 -15.78 -16.11
N ALA B 170 12.60 -14.71 -15.85
CA ALA B 170 12.04 -13.46 -15.34
C ALA B 170 11.98 -12.35 -16.38
N LEU B 171 12.41 -12.62 -17.62
CA LEU B 171 12.65 -11.57 -18.60
C LEU B 171 11.82 -11.73 -19.89
N ASP B 172 10.73 -12.50 -19.84
CA ASP B 172 9.80 -12.53 -20.97
C ASP B 172 8.79 -11.40 -20.86
N ASN B 173 8.47 -10.76 -22.00
CA ASN B 173 7.34 -9.82 -22.11
C ASN B 173 7.50 -8.69 -21.10
N CYS B 174 8.73 -8.18 -20.97
CA CYS B 174 8.98 -6.98 -20.18
C CYS B 174 8.68 -5.75 -21.00
N PRO B 175 8.46 -4.58 -20.36
CA PRO B 175 8.11 -3.37 -21.10
C PRO B 175 9.18 -2.97 -22.13
N GLU B 176 8.75 -2.27 -23.19
CA GLU B 176 9.65 -1.80 -24.22
C GLU B 176 10.41 -0.58 -23.66
N HIS B 177 11.60 -0.34 -24.23
CA HIS B 177 12.53 0.69 -23.81
C HIS B 177 12.29 1.95 -24.64
N HIS B 178 12.88 3.07 -24.22
CA HIS B 178 12.83 4.35 -24.94
C HIS B 178 14.22 5.00 -24.97
N GLY B 179 15.17 4.27 -25.54
CA GLY B 179 16.49 4.78 -25.87
C GLY B 179 17.60 4.35 -24.90
N CYS B 180 17.24 3.81 -23.74
CA CYS B 180 18.24 3.31 -22.80
C CYS B 180 18.24 1.79 -22.89
N PHE B 181 19.46 1.23 -22.80
CA PHE B 181 19.69 -0.20 -22.90
C PHE B 181 19.17 -0.92 -21.64
N ALA B 182 19.45 -0.35 -20.44
CA ALA B 182 19.32 -1.14 -19.23
C ALA B 182 18.12 -0.75 -18.38
N PHE B 183 17.43 0.36 -18.72
CA PHE B 183 16.33 0.89 -17.93
C PHE B 183 15.22 1.30 -18.89
N TYR B 184 14.00 1.41 -18.34
CA TYR B 184 12.83 1.66 -19.15
C TYR B 184 11.82 2.47 -18.33
N MET C 23 -46.05 -7.99 31.35
CA MET C 23 -45.52 -7.95 32.74
C MET C 23 -44.52 -9.10 32.96
N THR C 24 -44.60 -10.21 32.21
CA THR C 24 -43.53 -11.23 32.15
C THR C 24 -42.82 -11.26 30.79
N CYS C 25 -41.49 -11.50 30.73
CA CYS C 25 -40.77 -11.43 29.46
C CYS C 25 -41.40 -12.36 28.40
N ASP C 26 -41.76 -13.60 28.79
CA ASP C 26 -42.33 -14.60 27.90
C ASP C 26 -43.69 -14.15 27.33
N LYS C 27 -44.34 -13.13 27.92
CA LYS C 27 -45.65 -12.68 27.46
C LYS C 27 -45.55 -11.36 26.69
N LEU C 28 -44.34 -10.89 26.35
CA LEU C 28 -44.21 -9.62 25.63
C LEU C 28 -44.72 -9.80 24.19
N PRO C 29 -45.17 -8.73 23.48
CA PRO C 29 -45.54 -8.85 22.06
C PRO C 29 -44.39 -9.44 21.24
N LYS C 30 -44.74 -10.17 20.16
CA LYS C 30 -43.78 -10.74 19.23
C LYS C 30 -44.27 -10.42 17.82
N VAL C 31 -44.00 -9.23 17.32
CA VAL C 31 -44.51 -8.84 16.01
C VAL C 31 -43.70 -9.53 14.93
N PRO C 32 -44.22 -9.68 13.69
CA PRO C 32 -43.45 -10.26 12.59
C PRO C 32 -42.14 -9.52 12.33
N VAL C 33 -41.14 -10.34 12.02
CA VAL C 33 -39.86 -9.81 11.60
C VAL C 33 -40.05 -9.20 10.22
N PRO C 34 -39.84 -7.88 10.03
CA PRO C 34 -39.90 -7.30 8.69
C PRO C 34 -38.90 -7.92 7.71
N PRO C 35 -39.16 -7.77 6.39
CA PRO C 35 -38.23 -8.20 5.35
C PRO C 35 -36.86 -7.54 5.56
N LEU C 36 -35.80 -8.28 5.25
CA LEU C 36 -34.43 -7.79 5.45
C LEU C 36 -34.22 -6.46 4.75
N GLU C 37 -34.81 -6.31 3.56
CA GLU C 37 -34.70 -5.07 2.81
C GLU C 37 -35.14 -3.88 3.66
N GLU C 38 -36.20 -4.01 4.51
CA GLU C 38 -36.65 -2.90 5.36
C GLU C 38 -35.55 -2.53 6.38
N PHE C 39 -34.83 -3.53 6.90
CA PHE C 39 -33.75 -3.25 7.85
C PHE C 39 -32.56 -2.59 7.16
N ILE C 40 -32.17 -3.11 5.99
CA ILE C 40 -31.09 -2.51 5.24
C ILE C 40 -31.40 -1.05 4.86
N LYS C 41 -32.64 -0.75 4.43
CA LYS C 41 -33.03 0.61 4.13
C LYS C 41 -32.98 1.56 5.34
N SER C 42 -33.06 1.02 6.57
CA SER C 42 -32.98 1.78 7.81
C SER C 42 -31.55 2.10 8.23
N ASN C 43 -30.57 1.37 7.67
CA ASN C 43 -29.18 1.49 8.08
C ASN C 43 -28.71 2.93 7.95
N PRO C 44 -27.86 3.44 8.86
CA PRO C 44 -27.59 2.81 10.16
C PRO C 44 -28.56 3.28 11.25
N LEU C 45 -28.67 2.48 12.32
CA LEU C 45 -29.46 2.84 13.49
C LEU C 45 -28.56 2.96 14.72
N GLN C 46 -29.09 3.58 15.78
CA GLN C 46 -28.41 3.57 17.08
C GLN C 46 -29.39 3.08 18.14
N PHE C 47 -28.84 2.48 19.19
CA PHE C 47 -29.66 2.00 20.30
C PHE C 47 -29.82 3.11 21.33
N ALA C 48 -31.07 3.57 21.51
CA ALA C 48 -31.45 4.61 22.45
C ALA C 48 -31.60 4.02 23.85
N TYR C 49 -32.18 2.83 23.96
CA TYR C 49 -32.32 2.15 25.24
C TYR C 49 -31.83 0.72 25.10
N VAL C 50 -31.05 0.28 26.09
CA VAL C 50 -30.57 -1.09 26.17
C VAL C 50 -30.60 -1.53 27.66
N LEU C 51 -30.39 -2.82 27.93
CA LEU C 51 -30.44 -3.33 29.31
C LEU C 51 -29.01 -3.37 29.89
N THR C 52 -28.12 -4.23 29.38
CA THR C 52 -26.74 -4.27 29.86
C THR C 52 -25.90 -3.13 29.28
N ASP C 53 -24.69 -3.00 29.80
CA ASP C 53 -23.68 -2.02 29.40
C ASP C 53 -23.16 -2.27 27.99
N THR C 54 -23.35 -3.49 27.46
CA THR C 54 -22.70 -3.99 26.26
C THR C 54 -22.98 -3.08 25.05
N PHE C 55 -24.22 -2.59 24.94
CA PHE C 55 -24.72 -1.94 23.73
C PHE C 55 -24.97 -0.44 23.95
N ASP C 56 -24.34 0.11 25.02
CA ASP C 56 -24.21 1.55 25.11
C ASP C 56 -23.38 2.07 23.93
N CYS C 57 -23.68 3.29 23.49
CA CYS C 57 -22.92 4.03 22.52
C CYS C 57 -22.75 3.22 21.23
N THR C 58 -23.81 2.50 20.80
CA THR C 58 -23.66 1.51 19.75
C THR C 58 -24.51 1.87 18.52
N THR C 59 -23.90 1.65 17.33
CA THR C 59 -24.52 1.74 16.01
C THR C 59 -24.76 0.34 15.43
N ARG C 60 -25.95 0.13 14.90
CA ARG C 60 -26.36 -1.13 14.28
C ARG C 60 -26.43 -0.95 12.76
N VAL C 61 -25.80 -1.89 12.09
CA VAL C 61 -25.88 -2.04 10.63
C VAL C 61 -26.24 -3.48 10.32
N TYR C 62 -27.26 -3.65 9.46
CA TYR C 62 -27.66 -4.95 8.94
C TYR C 62 -26.97 -5.23 7.61
N VAL C 63 -26.55 -6.50 7.42
CA VAL C 63 -25.85 -6.94 6.21
C VAL C 63 -26.57 -8.16 5.67
N GLN C 64 -26.82 -8.13 4.37
CA GLN C 64 -27.30 -9.31 3.65
C GLN C 64 -26.24 -10.44 3.72
N PRO C 65 -26.68 -11.69 3.50
CA PRO C 65 -25.77 -12.82 3.37
C PRO C 65 -24.78 -12.59 2.24
N ALA C 66 -23.54 -13.06 2.40
CA ALA C 66 -22.56 -13.04 1.32
C ALA C 66 -23.05 -13.87 0.13
N ARG C 67 -22.64 -13.43 -1.05
CA ARG C 67 -22.99 -14.11 -2.30
C ARG C 67 -22.72 -15.63 -2.19
N LEU C 68 -21.62 -16.04 -1.55
CA LEU C 68 -21.26 -17.46 -1.54
C LEU C 68 -21.66 -18.19 -0.25
N SER C 69 -22.44 -17.54 0.63
CA SER C 69 -22.93 -18.17 1.83
C SER C 69 -23.87 -19.32 1.45
N PRO C 70 -23.62 -20.57 1.90
CA PRO C 70 -24.54 -21.66 1.56
C PRO C 70 -25.84 -21.52 2.37
N ASN C 71 -25.75 -21.09 3.63
CA ASN C 71 -26.95 -21.00 4.47
C ASN C 71 -27.74 -19.70 4.20
N GLN C 72 -27.12 -18.65 3.61
CA GLN C 72 -27.78 -17.39 3.29
C GLN C 72 -28.35 -16.70 4.54
N ALA C 73 -27.68 -16.81 5.69
CA ALA C 73 -28.04 -16.07 6.88
C ALA C 73 -27.51 -14.63 6.75
N ALA C 74 -28.37 -13.65 7.05
CA ALA C 74 -27.95 -12.26 7.22
C ALA C 74 -27.20 -12.07 8.54
N THR C 75 -26.65 -10.84 8.72
CA THR C 75 -25.77 -10.53 9.82
C THR C 75 -26.10 -9.14 10.35
N ALA C 76 -26.20 -9.09 11.68
CA ALA C 76 -26.30 -7.86 12.42
C ALA C 76 -24.92 -7.47 12.96
N LEU C 77 -24.55 -6.21 12.71
CA LEU C 77 -23.28 -5.62 13.13
C LEU C 77 -23.56 -4.60 14.21
N ASP C 78 -23.01 -4.84 15.41
CA ASP C 78 -23.12 -3.92 16.52
C ASP C 78 -21.76 -3.27 16.75
N ILE C 79 -21.71 -1.98 16.48
CA ILE C 79 -20.45 -1.26 16.36
C ILE C 79 -20.35 -0.22 17.48
N ARG C 80 -19.20 -0.23 18.16
CA ARG C 80 -18.95 0.66 19.29
C ARG C 80 -17.49 1.10 19.18
N GLY C 81 -17.26 2.24 18.54
CA GLY C 81 -15.94 2.77 18.27
C GLY C 81 -15.22 1.89 17.26
N SER C 82 -14.12 1.28 17.73
CA SER C 82 -13.29 0.36 16.96
C SER C 82 -13.60 -1.10 17.24
N ARG C 83 -14.65 -1.37 18.03
CA ARG C 83 -15.01 -2.74 18.34
C ARG C 83 -16.35 -3.06 17.66
N ILE C 84 -16.56 -4.34 17.37
CA ILE C 84 -17.77 -4.80 16.73
C ILE C 84 -18.12 -6.18 17.25
N ILE C 85 -19.41 -6.34 17.50
CA ILE C 85 -20.03 -7.62 17.80
C ILE C 85 -20.87 -7.97 16.57
N THR C 86 -20.73 -9.22 16.12
CA THR C 86 -21.41 -9.73 14.93
C THR C 86 -22.22 -10.97 15.30
N ASN C 87 -23.42 -11.04 14.69
CA ASN C 87 -24.36 -12.13 14.88
C ASN C 87 -25.07 -12.40 13.57
N ASP C 88 -24.90 -13.60 13.00
CA ASP C 88 -25.81 -14.07 11.97
C ASP C 88 -27.18 -14.26 12.60
N PHE C 89 -28.23 -14.11 11.80
CA PHE C 89 -29.57 -14.34 12.31
C PHE C 89 -30.40 -15.08 11.27
N VAL C 90 -31.32 -15.93 11.78
CA VAL C 90 -32.30 -16.58 10.94
C VAL C 90 -33.65 -16.57 11.65
N GLY C 91 -34.71 -16.63 10.83
CA GLY C 91 -36.08 -16.69 11.30
C GLY C 91 -36.32 -18.01 12.03
N GLY C 92 -37.09 -17.96 13.11
CA GLY C 92 -37.54 -19.16 13.82
C GLY C 92 -39.04 -19.07 14.12
N PRO C 93 -39.58 -20.07 14.86
CA PRO C 93 -41.01 -20.08 15.22
C PRO C 93 -41.46 -18.92 16.11
N ASN C 94 -42.74 -18.57 16.06
CA ASN C 94 -43.27 -17.53 16.95
C ASN C 94 -42.72 -16.14 16.62
N ASN C 95 -42.42 -15.86 15.34
CA ASN C 95 -41.89 -14.54 14.96
C ASN C 95 -40.53 -14.26 15.63
N SER C 96 -39.78 -15.35 15.90
CA SER C 96 -38.47 -15.25 16.54
C SER C 96 -37.38 -15.10 15.48
N ALA C 97 -36.27 -14.53 15.95
CA ALA C 97 -34.99 -14.60 15.26
C ALA C 97 -34.02 -15.35 16.16
N ILE C 98 -33.29 -16.31 15.58
CA ILE C 98 -32.24 -17.01 16.28
C ILE C 98 -30.88 -16.41 15.86
N LEU C 99 -30.17 -15.79 16.82
CA LEU C 99 -28.89 -15.17 16.59
C LEU C 99 -27.77 -16.15 16.97
N ASN C 100 -26.73 -16.17 16.12
CA ASN C 100 -25.51 -16.96 16.25
C ASN C 100 -24.30 -16.00 16.31
N ASN C 101 -23.73 -15.80 17.51
CA ASN C 101 -22.58 -14.93 17.70
C ASN C 101 -21.41 -15.46 16.88
N CYS C 102 -20.85 -14.61 15.99
CA CYS C 102 -19.87 -15.06 15.01
C CYS C 102 -18.48 -15.32 15.63
N THR C 103 -18.24 -14.77 16.83
CA THR C 103 -16.97 -14.89 17.53
C THR C 103 -17.04 -16.05 18.53
N THR C 104 -18.13 -16.17 19.30
CA THR C 104 -18.22 -17.13 20.39
C THR C 104 -19.07 -18.37 20.04
N GLY C 105 -19.90 -18.33 18.99
CA GLY C 105 -20.87 -19.40 18.71
C GLY C 105 -22.13 -19.42 19.60
N GLU C 106 -22.24 -18.50 20.57
CA GLU C 106 -23.41 -18.42 21.42
C GLU C 106 -24.70 -18.10 20.64
N LYS C 107 -25.79 -18.83 20.96
CA LYS C 107 -27.10 -18.63 20.38
C LYS C 107 -28.03 -17.89 21.33
N ALA C 108 -28.99 -17.14 20.77
CA ALA C 108 -30.00 -16.48 21.58
C ALA C 108 -31.25 -16.33 20.72
N THR C 109 -32.42 -16.45 21.36
CA THR C 109 -33.71 -16.31 20.70
C THR C 109 -34.26 -14.93 21.01
N TRP C 110 -34.49 -14.16 19.93
CA TRP C 110 -34.87 -12.76 20.02
C TRP C 110 -36.26 -12.58 19.43
N TYR C 111 -36.94 -11.54 19.91
CA TYR C 111 -38.24 -11.15 19.40
C TYR C 111 -38.25 -9.64 19.21
N PHE C 112 -39.19 -9.20 18.37
CA PHE C 112 -39.53 -7.78 18.28
C PHE C 112 -40.80 -7.47 19.07
N GLN C 113 -40.67 -6.53 20.01
CA GLN C 113 -41.81 -5.95 20.74
C GLN C 113 -42.69 -5.10 19.79
N TYR C 114 -42.05 -4.35 18.89
CA TYR C 114 -42.70 -3.70 17.76
C TYR C 114 -41.60 -3.35 16.76
N THR C 115 -42.02 -3.08 15.53
CA THR C 115 -41.16 -2.42 14.58
C THR C 115 -41.98 -1.33 13.87
N ASN C 116 -41.29 -0.25 13.52
CA ASN C 116 -41.86 0.83 12.75
C ASN C 116 -40.78 1.40 11.81
N LEU C 117 -40.45 0.64 10.75
CA LEU C 117 -39.35 0.96 9.86
C LEU C 117 -39.83 1.80 8.69
N ASN C 118 -39.00 2.79 8.32
CA ASN C 118 -39.07 3.54 7.09
C ASN C 118 -40.39 4.31 7.03
N THR C 119 -40.77 4.96 8.12
CA THR C 119 -41.91 5.87 8.08
C THR C 119 -41.39 7.18 7.50
N PRO C 120 -42.25 8.18 7.22
CA PRO C 120 -41.77 9.51 6.86
C PRO C 120 -41.00 10.27 7.95
N ASN C 121 -41.05 9.77 9.19
CA ASN C 121 -40.22 10.26 10.28
C ASN C 121 -39.09 9.27 10.61
N GLY C 122 -38.75 8.34 9.70
CA GLY C 122 -37.63 7.45 9.98
C GLY C 122 -38.09 6.16 10.66
N SER C 123 -37.13 5.44 11.23
CA SER C 123 -37.32 4.06 11.67
C SER C 123 -37.14 3.96 13.18
N SER C 124 -37.90 3.07 13.82
CA SER C 124 -37.58 2.63 15.17
C SER C 124 -38.01 1.18 15.34
N TYR C 125 -37.47 0.51 16.36
CA TYR C 125 -37.98 -0.78 16.82
C TYR C 125 -37.49 -1.04 18.24
N CYS C 126 -38.10 -2.01 18.93
CA CYS C 126 -37.60 -2.50 20.19
C CYS C 126 -37.63 -4.01 20.11
N ALA C 127 -36.53 -4.63 20.53
CA ALA C 127 -36.31 -6.06 20.47
C ALA C 127 -35.78 -6.54 21.82
N TYR C 128 -35.90 -7.84 22.08
CA TYR C 128 -35.62 -8.39 23.40
C TYR C 128 -35.32 -9.88 23.29
N THR C 129 -34.66 -10.39 24.33
CA THR C 129 -34.41 -11.80 24.52
C THR C 129 -34.60 -12.08 26.01
N CYS C 130 -35.11 -13.26 26.32
CA CYS C 130 -35.64 -13.56 27.64
C CYS C 130 -34.75 -14.56 28.35
N ASN C 131 -34.77 -14.49 29.69
CA ASN C 131 -34.28 -15.57 30.52
C ASN C 131 -35.49 -16.06 31.32
N GLY C 132 -36.29 -16.93 30.69
CA GLY C 132 -37.63 -17.30 31.15
C GLY C 132 -38.60 -16.11 31.21
N GLU C 133 -38.89 -15.68 32.45
CA GLU C 133 -39.81 -14.59 32.73
C GLU C 133 -39.08 -13.24 32.85
N GLU C 134 -37.76 -13.34 32.97
CA GLU C 134 -36.87 -12.20 33.07
C GLU C 134 -36.51 -11.72 31.66
N ILE C 135 -36.27 -10.40 31.52
CA ILE C 135 -35.65 -9.89 30.32
C ILE C 135 -34.12 -9.95 30.49
N ALA C 136 -33.45 -10.64 29.56
CA ALA C 136 -32.00 -10.79 29.57
C ALA C 136 -31.30 -9.65 28.84
N GLU C 137 -31.80 -9.28 27.64
CA GLU C 137 -31.30 -8.12 26.92
C GLU C 137 -32.45 -7.43 26.18
N TYR C 138 -32.35 -6.10 26.08
CA TYR C 138 -33.32 -5.21 25.44
C TYR C 138 -32.56 -4.23 24.54
N LYS C 139 -33.08 -4.00 23.32
CA LYS C 139 -32.42 -3.10 22.39
C LYS C 139 -33.51 -2.33 21.65
N CYS C 140 -33.59 -1.03 21.90
CA CYS C 140 -34.44 -0.15 21.12
C CYS C 140 -33.57 0.72 20.22
N ALA C 141 -33.83 0.60 18.90
CA ALA C 141 -33.07 1.26 17.85
C ALA C 141 -33.93 2.29 17.13
N ASN C 142 -33.29 3.37 16.67
CA ASN C 142 -33.95 4.38 15.87
C ASN C 142 -32.92 5.15 15.05
N ASN C 143 -33.39 5.92 14.07
CA ASN C 143 -32.57 6.89 13.35
C ASN C 143 -33.27 8.27 13.31
N ASN C 144 -34.06 8.57 14.36
CA ASN C 144 -34.83 9.80 14.43
C ASN C 144 -34.71 10.49 15.81
N ASN C 145 -33.58 10.27 16.52
CA ASN C 145 -33.35 10.87 17.84
C ASN C 145 -34.46 10.56 18.84
N GLY C 146 -35.08 9.38 18.77
CA GLY C 146 -35.98 8.90 19.80
C GLY C 146 -37.37 9.54 19.78
N THR C 147 -37.84 10.08 18.63
CA THR C 147 -39.11 10.80 18.53
C THR C 147 -40.31 9.91 18.19
N ASP C 148 -40.14 8.63 17.91
CA ASP C 148 -41.29 7.78 17.59
C ASP C 148 -42.08 7.49 18.86
N PRO C 149 -43.38 7.87 18.97
CA PRO C 149 -44.15 7.66 20.21
C PRO C 149 -44.26 6.19 20.60
N LEU C 150 -44.14 5.29 19.62
CA LEU C 150 -44.19 3.87 19.93
C LEU C 150 -43.03 3.46 20.83
N GLN C 151 -41.86 4.08 20.65
CA GLN C 151 -40.67 3.66 21.38
C GLN C 151 -40.78 3.99 22.88
N LYS C 152 -41.30 5.20 23.19
CA LYS C 152 -41.57 5.61 24.56
C LYS C 152 -42.46 4.62 25.30
N GLN C 153 -43.62 4.29 24.72
CA GLN C 153 -44.57 3.36 25.33
C GLN C 153 -43.99 1.95 25.45
N ALA C 154 -43.19 1.51 24.47
CA ALA C 154 -42.58 0.19 24.52
C ALA C 154 -41.60 0.07 25.70
N VAL C 155 -40.76 1.08 25.87
CA VAL C 155 -39.76 1.07 26.93
C VAL C 155 -40.45 1.05 28.31
N GLU C 156 -41.48 1.88 28.51
CA GLU C 156 -42.22 1.93 29.78
C GLU C 156 -42.78 0.55 30.10
N VAL C 157 -43.27 -0.17 29.07
CA VAL C 157 -43.76 -1.52 29.25
C VAL C 157 -42.63 -2.46 29.64
N ALA C 158 -41.47 -2.39 28.95
CA ALA C 158 -40.39 -3.34 29.18
C ALA C 158 -39.77 -3.15 30.59
N LYS C 159 -39.73 -1.89 31.07
CA LYS C 159 -39.13 -1.60 32.35
C LYS C 159 -39.86 -2.32 33.49
N LYS C 160 -41.13 -2.72 33.29
CA LYS C 160 -41.94 -3.34 34.34
C LYS C 160 -41.81 -4.86 34.31
N VAL C 161 -41.01 -5.36 33.38
CA VAL C 161 -40.76 -6.78 33.30
C VAL C 161 -39.66 -7.09 34.32
N PRO C 162 -39.60 -8.30 34.93
CA PRO C 162 -38.50 -8.62 35.85
C PRO C 162 -37.13 -8.48 35.19
N ASN C 163 -36.29 -7.61 35.78
CA ASN C 163 -34.92 -7.33 35.36
C ASN C 163 -34.92 -6.11 34.43
N GLY C 164 -36.11 -5.56 34.11
CA GLY C 164 -36.25 -4.40 33.24
C GLY C 164 -35.92 -3.06 33.89
N ASP C 165 -35.71 -3.09 35.22
CA ASP C 165 -35.24 -1.95 35.98
C ASP C 165 -33.89 -1.48 35.44
N LYS C 166 -33.09 -2.41 34.88
CA LYS C 166 -31.75 -2.12 34.40
C LYS C 166 -31.77 -1.43 33.04
N ILE C 167 -32.90 -1.48 32.32
CA ILE C 167 -33.04 -0.79 31.03
C ILE C 167 -32.79 0.70 31.22
N HIS C 168 -31.93 1.27 30.37
CA HIS C 168 -31.47 2.64 30.54
C HIS C 168 -31.21 3.32 29.18
N TYR C 169 -31.26 4.66 29.14
CA TYR C 169 -30.83 5.42 27.99
C TYR C 169 -29.35 5.16 27.75
N ALA C 170 -28.98 4.88 26.48
CA ALA C 170 -27.70 4.24 26.14
C ALA C 170 -26.70 5.20 25.54
N LEU C 171 -27.08 6.49 25.39
CA LEU C 171 -26.35 7.41 24.53
C LEU C 171 -25.86 8.64 25.29
N ASP C 172 -25.63 8.55 26.60
CA ASP C 172 -25.36 9.76 27.39
C ASP C 172 -23.93 10.30 27.26
N ASN C 173 -22.96 9.54 27.74
CA ASN C 173 -21.62 10.09 27.89
C ASN C 173 -20.71 9.40 26.89
N CYS C 174 -21.08 9.47 25.60
CA CYS C 174 -20.46 8.64 24.59
C CYS C 174 -19.17 9.31 24.10
N PRO C 175 -18.17 8.55 23.60
CA PRO C 175 -16.91 9.15 23.15
C PRO C 175 -17.13 10.22 22.10
N GLU C 176 -16.23 11.20 22.06
CA GLU C 176 -16.36 12.28 21.09
C GLU C 176 -15.99 11.73 19.71
N HIS C 177 -16.53 12.36 18.67
CA HIS C 177 -16.38 12.02 17.26
C HIS C 177 -15.19 12.76 16.68
N HIS C 178 -14.79 12.37 15.45
CA HIS C 178 -13.70 12.97 14.66
C HIS C 178 -14.09 13.06 13.18
N GLY C 179 -15.25 13.69 12.94
CA GLY C 179 -15.63 14.11 11.60
C GLY C 179 -16.69 13.21 10.97
N CYS C 180 -17.01 12.07 11.59
CA CYS C 180 -18.10 11.21 11.10
C CYS C 180 -19.33 11.36 12.01
N PHE C 181 -20.52 11.27 11.42
CA PHE C 181 -21.77 11.49 12.16
C PHE C 181 -22.11 10.24 12.97
N ALA C 182 -22.01 9.06 12.36
CA ALA C 182 -22.58 7.86 12.96
C ALA C 182 -21.56 6.91 13.58
N PHE C 183 -20.24 7.25 13.46
CA PHE C 183 -19.19 6.38 13.97
C PHE C 183 -18.10 7.26 14.59
N TYR C 184 -17.31 6.67 15.50
CA TYR C 184 -16.31 7.41 16.27
C TYR C 184 -15.09 6.52 16.51
N MET D 23 24.93 35.67 -15.55
CA MET D 23 23.61 36.21 -15.13
C MET D 23 22.49 35.75 -16.08
N THR D 24 22.79 35.28 -17.31
CA THR D 24 21.84 34.44 -18.09
C THR D 24 22.37 33.00 -18.23
N CYS D 25 21.45 32.02 -18.45
CA CYS D 25 21.74 30.60 -18.29
C CYS D 25 22.79 30.11 -19.29
N ASP D 26 22.66 30.63 -20.51
CA ASP D 26 23.53 30.33 -21.63
C ASP D 26 24.98 30.72 -21.34
N LYS D 27 25.18 31.59 -20.33
CA LYS D 27 26.44 32.25 -20.05
C LYS D 27 27.09 31.63 -18.81
N LEU D 28 26.43 30.66 -18.15
CA LEU D 28 27.01 30.04 -16.96
C LEU D 28 28.26 29.22 -17.32
N PRO D 29 29.12 28.96 -16.34
CA PRO D 29 30.33 28.15 -16.60
C PRO D 29 30.00 26.74 -17.07
N LYS D 30 30.93 26.18 -17.88
CA LYS D 30 30.88 24.83 -18.42
C LYS D 30 32.23 24.13 -18.19
N VAL D 31 32.43 23.57 -16.99
CA VAL D 31 33.67 22.86 -16.70
C VAL D 31 33.67 21.48 -17.35
N PRO D 32 34.85 20.88 -17.58
CA PRO D 32 34.94 19.53 -18.14
C PRO D 32 34.15 18.57 -17.27
N VAL D 33 33.49 17.63 -17.94
CA VAL D 33 32.85 16.51 -17.27
C VAL D 33 33.94 15.55 -16.78
N PRO D 34 34.04 15.31 -15.46
CA PRO D 34 35.01 14.35 -14.94
C PRO D 34 34.80 12.94 -15.50
N PRO D 35 35.85 12.11 -15.48
CA PRO D 35 35.72 10.71 -15.88
C PRO D 35 34.63 10.06 -15.04
N LEU D 36 33.94 9.12 -15.67
CA LEU D 36 32.89 8.36 -15.01
C LEU D 36 33.34 7.78 -13.68
N GLU D 37 34.58 7.27 -13.57
CA GLU D 37 34.99 6.62 -12.34
C GLU D 37 34.97 7.59 -11.17
N GLU D 38 35.17 8.90 -11.41
CA GLU D 38 35.16 9.89 -10.35
C GLU D 38 33.73 10.00 -9.81
N PHE D 39 32.73 9.92 -10.70
CA PHE D 39 31.34 9.96 -10.25
C PHE D 39 30.99 8.68 -9.50
N ILE D 40 31.39 7.51 -10.01
CA ILE D 40 31.08 6.26 -9.34
C ILE D 40 31.71 6.19 -7.93
N LYS D 41 32.96 6.70 -7.83
CA LYS D 41 33.60 6.81 -6.53
C LYS D 41 32.86 7.76 -5.58
N SER D 42 32.14 8.75 -6.12
CA SER D 42 31.35 9.65 -5.27
C SER D 42 30.03 9.07 -4.77
N ASN D 43 29.56 7.98 -5.36
CA ASN D 43 28.25 7.44 -5.05
C ASN D 43 28.12 7.07 -3.58
N PRO D 44 26.93 7.21 -2.95
CA PRO D 44 25.80 8.02 -3.44
C PRO D 44 25.93 9.49 -3.03
N LEU D 45 25.27 10.37 -3.80
CA LEU D 45 25.21 11.80 -3.53
C LEU D 45 23.74 12.17 -3.21
N GLN D 46 23.52 13.31 -2.61
CA GLN D 46 22.15 13.81 -2.48
C GLN D 46 22.11 15.23 -3.00
N PHE D 47 20.94 15.69 -3.46
CA PHE D 47 20.85 17.03 -3.98
C PHE D 47 20.45 18.00 -2.87
N ALA D 48 21.32 18.99 -2.59
CA ALA D 48 21.03 19.98 -1.55
C ALA D 48 20.17 21.13 -2.11
N TYR D 49 20.42 21.51 -3.38
CA TYR D 49 19.68 22.56 -4.07
C TYR D 49 19.21 22.04 -5.43
N VAL D 50 17.93 22.31 -5.73
CA VAL D 50 17.30 21.96 -6.99
C VAL D 50 16.33 23.10 -7.35
N LEU D 51 15.92 23.14 -8.63
CA LEU D 51 14.95 24.14 -9.10
C LEU D 51 13.51 23.62 -8.96
N THR D 52 13.15 22.56 -9.71
CA THR D 52 11.79 22.00 -9.62
C THR D 52 11.72 21.01 -8.47
N ASP D 53 10.53 20.82 -7.91
CA ASP D 53 10.41 20.03 -6.70
C ASP D 53 10.49 18.50 -6.99
N THR D 54 10.68 18.13 -8.27
CA THR D 54 10.93 16.76 -8.71
C THR D 54 12.09 16.15 -7.94
N PHE D 55 13.15 16.94 -7.74
CA PHE D 55 14.42 16.44 -7.26
C PHE D 55 14.61 16.74 -5.78
N ASP D 56 13.51 17.05 -5.07
CA ASP D 56 13.58 17.14 -3.60
C ASP D 56 13.79 15.75 -3.01
N CYS D 57 14.44 15.72 -1.84
CA CYS D 57 14.61 14.52 -1.02
C CYS D 57 15.17 13.32 -1.83
N THR D 58 16.19 13.60 -2.67
CA THR D 58 16.63 12.72 -3.74
C THR D 58 18.12 12.36 -3.53
N THR D 59 18.43 11.08 -3.78
CA THR D 59 19.76 10.50 -3.86
C THR D 59 20.07 10.13 -5.32
N ARG D 60 21.28 10.55 -5.74
CA ARG D 60 21.83 10.28 -7.05
C ARG D 60 22.88 9.15 -6.96
N VAL D 61 22.72 8.18 -7.86
CA VAL D 61 23.67 7.08 -8.06
C VAL D 61 23.99 7.01 -9.56
N TYR D 62 25.28 6.97 -9.88
CA TYR D 62 25.78 6.81 -11.24
C TYR D 62 26.11 5.34 -11.49
N VAL D 63 25.75 4.87 -12.69
CA VAL D 63 25.97 3.50 -13.09
C VAL D 63 26.72 3.49 -14.41
N GLN D 64 27.76 2.66 -14.52
CA GLN D 64 28.44 2.44 -15.81
C GLN D 64 27.50 1.78 -16.82
N PRO D 65 27.81 1.78 -18.12
CA PRO D 65 27.00 1.07 -19.10
C PRO D 65 27.00 -0.44 -18.84
N ALA D 66 25.87 -1.07 -19.13
CA ALA D 66 25.77 -2.52 -19.13
C ALA D 66 26.83 -3.08 -20.10
N ARG D 67 27.38 -4.26 -19.76
N ARG D 67 27.36 -4.26 -19.75
CA ARG D 67 28.44 -4.94 -20.53
CA ARG D 67 28.41 -4.94 -20.51
C ARG D 67 28.04 -5.04 -22.02
C ARG D 67 28.04 -5.05 -22.00
N LEU D 68 26.79 -5.40 -22.27
CA LEU D 68 26.29 -5.67 -23.61
C LEU D 68 25.69 -4.41 -24.27
N SER D 69 25.78 -3.24 -23.63
CA SER D 69 25.21 -2.03 -24.22
C SER D 69 26.07 -1.63 -25.44
N PRO D 70 25.54 -1.59 -26.68
CA PRO D 70 26.35 -1.20 -27.85
C PRO D 70 26.90 0.25 -27.81
N ASN D 71 26.07 1.21 -27.37
CA ASN D 71 26.49 2.62 -27.30
C ASN D 71 27.32 2.91 -26.05
N GLN D 72 27.32 2.05 -25.03
CA GLN D 72 28.11 2.27 -23.81
C GLN D 72 27.75 3.60 -23.10
N ALA D 73 26.50 4.02 -23.14
CA ALA D 73 26.10 5.17 -22.36
C ALA D 73 26.00 4.79 -20.88
N ALA D 74 26.57 5.62 -20.01
CA ALA D 74 26.35 5.51 -18.58
C ALA D 74 24.94 5.99 -18.23
N THR D 75 24.52 5.78 -16.98
CA THR D 75 23.18 6.10 -16.52
C THR D 75 23.22 6.81 -15.17
N ALA D 76 22.43 7.88 -15.06
CA ALA D 76 22.17 8.54 -13.78
C ALA D 76 20.85 8.08 -13.17
N LEU D 77 20.90 7.66 -11.89
CA LEU D 77 19.73 7.22 -11.17
C LEU D 77 19.36 8.29 -10.13
N ASP D 78 18.11 8.79 -10.24
CA ASP D 78 17.60 9.80 -9.31
C ASP D 78 16.48 9.14 -8.49
N ILE D 79 16.81 8.87 -7.25
CA ILE D 79 16.03 8.03 -6.37
C ILE D 79 15.42 8.88 -5.25
N ARG D 80 14.07 8.87 -5.24
CA ARG D 80 13.30 9.57 -4.21
C ARG D 80 12.39 8.57 -3.53
N GLY D 81 12.81 8.04 -2.40
CA GLY D 81 12.08 6.98 -1.75
C GLY D 81 12.01 5.73 -2.62
N SER D 82 10.77 5.33 -3.00
CA SER D 82 10.53 4.13 -3.79
C SER D 82 10.37 4.42 -5.28
N ARG D 83 10.53 5.69 -5.68
CA ARG D 83 10.47 6.06 -7.08
C ARG D 83 11.85 6.35 -7.63
N ILE D 84 12.14 5.85 -8.85
CA ILE D 84 13.42 6.14 -9.51
C ILE D 84 13.16 6.75 -10.88
N ILE D 85 13.88 7.85 -11.16
CA ILE D 85 14.05 8.41 -12.48
C ILE D 85 15.43 7.99 -13.03
N THR D 86 15.46 7.59 -14.32
CA THR D 86 16.68 7.16 -14.99
C THR D 86 16.90 7.93 -16.28
N ASN D 87 18.16 8.30 -16.49
CA ASN D 87 18.64 9.02 -17.65
C ASN D 87 19.99 8.47 -18.07
N ASP D 88 20.06 7.95 -19.30
CA ASP D 88 21.34 7.64 -19.91
C ASP D 88 21.99 8.98 -20.20
N PHE D 89 23.32 9.00 -20.23
CA PHE D 89 23.98 10.24 -20.64
C PHE D 89 25.21 9.93 -21.48
N VAL D 90 25.50 10.86 -22.40
CA VAL D 90 26.68 10.75 -23.22
C VAL D 90 27.24 12.16 -23.37
N GLY D 91 28.58 12.23 -23.54
CA GLY D 91 29.26 13.51 -23.67
C GLY D 91 28.88 14.21 -24.99
N GLY D 92 28.70 15.52 -24.92
CA GLY D 92 28.44 16.34 -26.09
C GLY D 92 29.47 17.48 -26.24
N PRO D 93 29.32 18.36 -27.26
CA PRO D 93 30.17 19.54 -27.40
C PRO D 93 30.04 20.56 -26.27
N ASN D 94 31.06 21.42 -26.13
CA ASN D 94 31.09 22.52 -25.17
C ASN D 94 30.96 22.01 -23.73
N ASN D 95 31.58 20.85 -23.43
CA ASN D 95 31.58 20.22 -22.11
C ASN D 95 30.15 19.92 -21.64
N SER D 96 29.30 19.53 -22.59
CA SER D 96 27.91 19.19 -22.29
C SER D 96 27.81 17.68 -22.01
N ALA D 97 26.72 17.31 -21.32
CA ALA D 97 26.17 15.97 -21.40
C ALA D 97 24.75 16.02 -21.98
N ILE D 98 24.45 15.04 -22.83
CA ILE D 98 23.09 14.87 -23.33
C ILE D 98 22.44 13.66 -22.62
N LEU D 99 21.38 13.97 -21.87
CA LEU D 99 20.60 13.03 -21.09
C LEU D 99 19.43 12.57 -21.94
N ASN D 100 19.20 11.25 -21.89
CA ASN D 100 18.12 10.54 -22.51
C ASN D 100 17.24 9.92 -21.42
N ASN D 101 16.04 10.50 -21.17
CA ASN D 101 15.12 9.96 -20.19
C ASN D 101 14.69 8.56 -20.65
N CYS D 102 14.98 7.54 -19.82
CA CYS D 102 14.76 6.16 -20.18
C CYS D 102 13.27 5.76 -20.33
N THR D 103 12.39 6.52 -19.67
CA THR D 103 10.96 6.26 -19.63
C THR D 103 10.25 6.95 -20.78
N THR D 104 10.76 8.11 -21.15
CA THR D 104 10.08 9.10 -21.94
C THR D 104 10.73 9.24 -23.32
N GLY D 105 12.06 9.07 -23.42
CA GLY D 105 12.83 9.31 -24.64
C GLY D 105 13.27 10.78 -24.81
N GLU D 106 12.84 11.65 -23.89
CA GLU D 106 13.17 13.07 -23.92
C GLU D 106 14.64 13.31 -23.59
N LYS D 107 15.21 14.24 -24.37
CA LYS D 107 16.61 14.67 -24.34
C LYS D 107 16.71 16.03 -23.69
N ALA D 108 17.79 16.23 -22.94
CA ALA D 108 18.13 17.54 -22.42
C ALA D 108 19.65 17.68 -22.44
N THR D 109 20.11 18.92 -22.70
CA THR D 109 21.53 19.26 -22.72
C THR D 109 21.91 19.86 -21.37
N TRP D 110 22.85 19.20 -20.68
CA TRP D 110 23.23 19.63 -19.36
C TRP D 110 24.70 20.09 -19.34
N TYR D 111 25.03 20.90 -18.32
CA TYR D 111 26.40 21.39 -18.13
C TYR D 111 26.72 21.32 -16.64
N PHE D 112 28.03 21.31 -16.32
CA PHE D 112 28.49 21.53 -14.96
C PHE D 112 29.00 22.97 -14.79
N GLN D 113 28.37 23.66 -13.86
CA GLN D 113 28.82 24.92 -13.31
C GLN D 113 30.17 24.77 -12.60
N TYR D 114 30.32 23.72 -11.78
CA TYR D 114 31.63 23.30 -11.33
C TYR D 114 31.51 21.84 -10.88
N THR D 115 32.65 21.13 -10.82
CA THR D 115 32.73 19.91 -10.06
C THR D 115 33.90 19.95 -9.06
N ASN D 116 33.74 19.18 -7.98
CA ASN D 116 34.72 19.05 -6.93
C ASN D 116 34.57 17.68 -6.29
N LEU D 117 34.97 16.65 -7.04
CA LEU D 117 34.71 15.26 -6.65
C LEU D 117 35.93 14.66 -5.94
N ASN D 118 35.62 13.94 -4.86
CA ASN D 118 36.55 13.07 -4.15
C ASN D 118 37.71 13.90 -3.58
N THR D 119 37.38 14.98 -2.89
CA THR D 119 38.34 15.71 -2.10
C THR D 119 38.42 14.99 -0.77
N PRO D 120 39.37 15.37 0.10
CA PRO D 120 39.38 14.84 1.46
C PRO D 120 38.20 15.29 2.33
N ASN D 121 37.37 16.21 1.85
CA ASN D 121 36.12 16.57 2.49
C ASN D 121 34.91 16.06 1.68
N GLY D 122 35.14 15.14 0.74
CA GLY D 122 34.08 14.54 -0.07
C GLY D 122 33.87 15.26 -1.39
N SER D 123 32.66 15.10 -1.93
CA SER D 123 32.33 15.45 -3.31
C SER D 123 31.19 16.47 -3.34
N SER D 124 31.26 17.40 -4.26
CA SER D 124 30.15 18.29 -4.55
C SER D 124 30.22 18.67 -6.01
N TYR D 125 29.08 19.08 -6.56
CA TYR D 125 29.03 19.66 -7.90
C TYR D 125 27.69 20.40 -8.02
N CYS D 126 27.59 21.28 -9.01
CA CYS D 126 26.33 21.88 -9.40
C CYS D 126 26.24 21.80 -10.91
N ALA D 127 25.11 21.28 -11.39
CA ALA D 127 24.84 21.14 -12.81
C ALA D 127 23.49 21.80 -13.12
N TYR D 128 23.28 22.08 -14.40
CA TYR D 128 22.14 22.87 -14.85
C TYR D 128 21.79 22.53 -16.29
N THR D 129 20.52 22.77 -16.64
CA THR D 129 20.08 22.75 -18.03
C THR D 129 19.20 23.99 -18.28
N CYS D 130 19.24 24.50 -19.51
CA CYS D 130 18.75 25.83 -19.82
C CYS D 130 17.51 25.75 -20.72
N ASN D 131 16.67 26.78 -20.62
CA ASN D 131 15.69 27.10 -21.63
C ASN D 131 16.05 28.49 -22.19
N GLY D 132 16.90 28.52 -23.22
CA GLY D 132 17.59 29.73 -23.64
C GLY D 132 18.35 30.39 -22.49
N GLU D 133 17.90 31.59 -22.07
CA GLU D 133 18.57 32.40 -21.07
C GLU D 133 18.03 32.12 -19.67
N GLU D 134 16.97 31.33 -19.60
CA GLU D 134 16.46 30.88 -18.30
C GLU D 134 17.05 29.50 -17.97
N ILE D 135 17.10 29.24 -16.69
CA ILE D 135 17.50 27.95 -16.17
C ILE D 135 16.24 27.09 -16.01
N ALA D 136 16.24 25.94 -16.70
CA ALA D 136 15.12 24.99 -16.68
C ALA D 136 15.22 24.02 -15.49
N GLU D 137 16.44 23.51 -15.20
CA GLU D 137 16.63 22.68 -14.01
C GLU D 137 18.04 22.90 -13.46
N TYR D 138 18.18 22.73 -12.13
CA TYR D 138 19.43 22.91 -11.42
C TYR D 138 19.58 21.79 -10.39
N LYS D 139 20.77 21.20 -10.26
CA LYS D 139 20.98 20.10 -9.33
C LYS D 139 22.37 20.32 -8.70
N CYS D 140 22.41 20.58 -7.39
CA CYS D 140 23.68 20.67 -6.67
C CYS D 140 23.73 19.48 -5.73
N ALA D 141 24.70 18.62 -6.02
CA ALA D 141 24.86 17.36 -5.30
C ALA D 141 26.09 17.40 -4.37
N ASN D 142 26.01 16.67 -3.27
CA ASN D 142 27.15 16.50 -2.39
C ASN D 142 26.96 15.25 -1.52
N ASN D 143 28.04 14.88 -0.84
CA ASN D 143 28.03 13.80 0.14
C ASN D 143 28.68 14.28 1.44
N ASN D 144 28.63 15.60 1.70
CA ASN D 144 29.32 16.20 2.83
C ASN D 144 28.43 17.21 3.55
N ASN D 145 27.11 17.08 3.42
CA ASN D 145 26.15 17.99 4.08
C ASN D 145 26.38 19.46 3.75
N GLY D 146 26.77 19.77 2.52
CA GLY D 146 26.67 21.12 2.00
C GLY D 146 27.81 22.01 2.50
N THR D 147 28.97 21.43 2.89
CA THR D 147 30.05 22.25 3.43
C THR D 147 31.08 22.73 2.42
N ASP D 148 31.00 22.31 1.16
CA ASP D 148 31.97 22.75 0.18
C ASP D 148 31.80 24.25 -0.11
N PRO D 149 32.81 25.13 0.09
CA PRO D 149 32.63 26.55 -0.17
C PRO D 149 32.29 26.83 -1.63
N LEU D 150 32.71 25.96 -2.57
CA LEU D 150 32.36 26.15 -3.96
C LEU D 150 30.85 26.15 -4.16
N GLN D 151 30.14 25.32 -3.41
CA GLN D 151 28.73 25.07 -3.68
C GLN D 151 27.92 26.32 -3.30
N LYS D 152 28.25 26.89 -2.13
CA LYS D 152 27.70 28.15 -1.63
C LYS D 152 27.74 29.23 -2.70
N GLN D 153 28.92 29.50 -3.29
CA GLN D 153 29.08 30.57 -4.26
C GLN D 153 28.33 30.23 -5.55
N ALA D 154 28.33 28.95 -5.99
CA ALA D 154 27.68 28.55 -7.24
C ALA D 154 26.16 28.77 -7.18
N VAL D 155 25.57 28.42 -6.03
CA VAL D 155 24.13 28.55 -5.79
C VAL D 155 23.71 30.06 -5.84
N GLU D 156 24.48 30.95 -5.20
CA GLU D 156 24.25 32.39 -5.27
C GLU D 156 24.22 32.92 -6.70
N VAL D 157 25.21 32.50 -7.52
CA VAL D 157 25.26 32.85 -8.92
C VAL D 157 24.01 32.34 -9.66
N ALA D 158 23.60 31.09 -9.41
CA ALA D 158 22.56 30.47 -10.23
C ALA D 158 21.20 31.13 -9.96
N LYS D 159 20.95 31.47 -8.69
CA LYS D 159 19.71 32.08 -8.23
C LYS D 159 19.44 33.45 -8.85
N LYS D 160 20.44 34.06 -9.53
CA LYS D 160 20.33 35.39 -10.12
C LYS D 160 20.13 35.29 -11.61
N VAL D 161 20.21 34.07 -12.14
CA VAL D 161 19.89 33.83 -13.53
C VAL D 161 18.36 33.81 -13.64
N PRO D 162 17.74 34.16 -14.80
CA PRO D 162 16.28 34.12 -14.93
C PRO D 162 15.68 32.73 -14.67
N ASN D 163 14.69 32.68 -13.76
CA ASN D 163 13.97 31.52 -13.27
C ASN D 163 14.71 30.90 -12.06
N GLY D 164 15.87 31.47 -11.70
CA GLY D 164 16.75 30.94 -10.66
C GLY D 164 16.20 31.19 -9.27
N ASP D 165 15.21 32.10 -9.17
CA ASP D 165 14.51 32.39 -7.92
C ASP D 165 13.79 31.15 -7.36
N LYS D 166 13.42 30.20 -8.24
CA LYS D 166 12.82 28.94 -7.81
C LYS D 166 13.82 27.97 -7.17
N ILE D 167 15.15 28.19 -7.33
CA ILE D 167 16.14 27.29 -6.73
C ILE D 167 16.01 27.36 -5.22
N HIS D 168 15.92 26.17 -4.63
CA HIS D 168 15.62 26.05 -3.21
C HIS D 168 16.37 24.86 -2.60
N TYR D 169 16.51 24.93 -1.28
CA TYR D 169 17.05 23.85 -0.49
C TYR D 169 16.06 22.70 -0.51
N ALA D 170 16.60 21.48 -0.77
CA ALA D 170 15.81 20.35 -1.25
C ALA D 170 15.61 19.25 -0.20
N LEU D 171 16.15 19.45 0.99
CA LEU D 171 16.32 18.37 1.96
C LEU D 171 15.60 18.72 3.27
N ASP D 172 14.67 19.68 3.25
CA ASP D 172 14.10 20.17 4.49
C ASP D 172 13.08 19.26 5.15
N ASN D 173 12.12 18.70 4.44
CA ASN D 173 11.12 18.01 5.25
C ASN D 173 10.99 16.56 4.83
N CYS D 174 12.11 15.83 4.76
CA CYS D 174 12.14 14.63 3.95
C CYS D 174 11.56 13.48 4.75
N PRO D 175 11.11 12.37 4.13
CA PRO D 175 10.57 11.28 4.92
C PRO D 175 11.58 10.67 5.87
N GLU D 176 11.04 10.12 6.96
CA GLU D 176 11.84 9.43 7.97
C GLU D 176 12.34 8.11 7.41
N HIS D 177 13.48 7.66 7.93
CA HIS D 177 14.19 6.48 7.44
C HIS D 177 13.81 5.28 8.30
N HIS D 178 14.14 4.07 7.80
CA HIS D 178 13.95 2.79 8.50
C HIS D 178 15.21 1.93 8.45
N GLY D 179 16.30 2.53 8.96
CA GLY D 179 17.55 1.82 9.22
C GLY D 179 18.57 1.93 8.09
N CYS D 180 18.19 2.52 6.94
CA CYS D 180 19.18 2.77 5.90
C CYS D 180 19.57 4.23 5.97
N PHE D 181 20.86 4.49 5.78
CA PHE D 181 21.35 5.87 5.84
C PHE D 181 20.92 6.68 4.62
N ALA D 182 21.02 6.13 3.39
CA ALA D 182 20.95 6.94 2.19
C ALA D 182 19.63 6.79 1.42
N PHE D 183 18.76 5.89 1.90
CA PHE D 183 17.52 5.50 1.23
C PHE D 183 16.41 5.36 2.30
N TYR D 184 15.15 5.51 1.86
CA TYR D 184 14.00 5.56 2.76
C TYR D 184 12.72 5.08 2.04
N1 IJ5 E . -19.13 -14.26 -1.05
C1 IJ5 E . -18.09 -14.43 -0.53
C2 IJ5 E . -16.68 -14.65 0.03
O1 IJ5 E . -16.33 -15.98 -0.07
C3 IJ5 E . -16.47 -14.18 1.45
C4 IJ5 E . -15.91 -15.01 2.45
C5 IJ5 E . -15.69 -14.51 3.72
C6 IJ5 E . -16.04 -13.21 4.03
C7 IJ5 E . -16.59 -12.37 3.09
C8 IJ5 E . -16.79 -12.86 1.81
CL1 IJ5 E . -17.47 -11.81 0.59
H1 IJ5 E . -16.05 -14.15 -0.55
H2 IJ5 E . -16.08 -16.25 0.71
H3 IJ5 E . -15.67 -15.89 2.24
H4 IJ5 E . -15.33 -15.08 4.39
H5 IJ5 E . -15.90 -12.89 4.90
H6 IJ5 E . -16.82 -11.48 3.31
N1 IJ5 F . -10.72 2.45 1.58
C1 IJ5 F . -11.34 2.21 0.62
C2 IJ5 F . -12.35 1.73 -0.43
O1 IJ5 F . -11.91 0.41 -0.87
C3 IJ5 F . -12.76 2.85 -1.40
C4 IJ5 F . -12.00 3.10 -2.56
C5 IJ5 F . -12.30 4.12 -3.44
C6 IJ5 F . -13.37 4.95 -3.21
C7 IJ5 F . -14.16 4.78 -2.10
C8 IJ5 F . -13.84 3.76 -1.21
CL1 IJ5 F . -14.85 3.71 0.19
H1 IJ5 F . -13.18 1.46 0.06
H2 IJ5 F . -11.93 0.40 -1.73
H3 IJ5 F . -11.28 2.54 -2.73
H4 IJ5 F . -11.79 4.22 -4.23
H5 IJ5 F . -13.58 5.64 -3.82
H6 IJ5 F . -14.87 5.36 -1.92
C1 GOL G . -19.63 6.07 -3.71
O1 GOL G . -20.52 5.05 -4.15
C2 GOL G . -20.16 7.45 -4.05
O2 GOL G . -21.56 7.41 -3.85
C3 GOL G . -19.50 8.59 -3.26
O3 GOL G . -18.07 8.50 -3.30
H11 GOL G . -18.75 5.95 -4.13
H12 GOL G . -19.51 6.00 -2.74
HO1 GOL G . -20.16 4.28 -3.92
H2 GOL G . -19.99 7.62 -5.00
HO2 GOL G . -21.76 8.01 -3.34
H31 GOL G . -19.80 8.56 -2.32
H32 GOL G . -19.79 9.45 -3.64
HO3 GOL G . -17.81 8.59 -4.10
S SO4 H . 1.33 -12.26 -3.46
O1 SO4 H . 0.94 -12.30 -2.07
O2 SO4 H . 2.75 -11.96 -3.51
O3 SO4 H . 1.08 -13.55 -4.06
O4 SO4 H . 0.58 -11.25 -4.21
N1 IJ5 I . 24.69 -6.40 -20.26
C1 IJ5 I . 23.55 -6.72 -20.25
C2 IJ5 I . 22.08 -7.22 -20.24
O1 IJ5 I . 21.65 -7.48 -21.54
C3 IJ5 I . 21.07 -6.26 -19.63
C4 IJ5 I . 19.91 -5.85 -20.37
C5 IJ5 I . 18.99 -5.01 -19.80
C6 IJ5 I . 19.19 -4.54 -18.51
C7 IJ5 I . 20.29 -4.91 -17.75
C8 IJ5 I . 21.20 -5.78 -18.32
CL1 IJ5 I . 22.58 -6.30 -17.36
H1 IJ5 I . 22.05 -8.07 -19.74
H2 IJ5 I . 20.94 -7.04 -21.67
H3 IJ5 I . 19.79 -6.15 -21.25
H4 IJ5 I . 18.25 -4.72 -20.31
H5 IJ5 I . 18.56 -3.96 -18.14
H6 IJ5 I . 20.38 -4.61 -16.87
C1 GOL J . 15.55 -6.17 -16.98
O1 GOL J . 16.87 -5.68 -16.78
C2 GOL J . 14.70 -5.31 -17.90
O2 GOL J . 15.41 -4.51 -18.87
C3 GOL J . 13.62 -6.15 -18.56
O3 GOL J . 13.97 -6.55 -19.88
H11 GOL J . 15.10 -6.24 -16.10
H12 GOL J . 15.60 -7.08 -17.36
HO1 GOL J . 17.22 -6.23 -16.24
H2 GOL J . 14.22 -4.68 -17.32
HO2 GOL J . 15.16 -4.70 -19.65
H31 GOL J . 12.78 -5.63 -18.59
H32 GOL J . 13.46 -6.96 -18.01
HO3 GOL J . 13.87 -5.88 -20.40
C1 GOL K . 23.28 -9.33 -1.76
O1 GOL K . 24.12 -10.03 -0.85
C2 GOL K . 22.16 -10.18 -2.38
O2 GOL K . 22.14 -11.52 -1.83
C3 GOL K . 20.82 -9.44 -2.29
O3 GOL K . 19.67 -10.10 -2.86
H11 GOL K . 23.84 -8.97 -2.49
H12 GOL K . 22.87 -8.57 -1.29
HO1 GOL K . 24.70 -9.47 -0.58
H2 GOL K . 22.38 -10.27 -3.34
HO2 GOL K . 21.36 -11.68 -1.53
H31 GOL K . 20.92 -8.56 -2.73
H32 GOL K . 20.63 -9.27 -1.34
HO3 GOL K . 19.67 -10.91 -2.61
S SO4 L . 10.86 -21.45 -16.64
O1 SO4 L . 10.23 -20.16 -16.67
O2 SO4 L . 11.91 -21.51 -15.63
O3 SO4 L . 9.85 -22.41 -16.29
O4 SO4 L . 11.45 -21.73 -17.94
N1 IJ5 M . -29.87 9.30 11.83
C1 IJ5 M . -29.51 9.19 12.95
C2 IJ5 M . -28.99 9.11 14.40
O1 IJ5 M . -29.02 10.39 14.95
C3 IJ5 M . -27.60 8.52 14.62
C4 IJ5 M . -26.55 9.19 15.31
C5 IJ5 M . -25.33 8.59 15.52
C6 IJ5 M . -25.10 7.30 15.04
C7 IJ5 M . -26.10 6.60 14.37
C8 IJ5 M . -27.32 7.22 14.19
CL1 IJ5 M . -28.57 6.39 13.32
H1 IJ5 M . -29.65 8.57 14.93
H2 IJ5 M . -28.25 10.54 15.30
H3 IJ5 M . -26.70 10.06 15.64
H4 IJ5 M . -24.64 9.04 15.97
H5 IJ5 M . -24.27 6.89 15.17
H6 IJ5 M . -25.94 5.74 14.04
N1 IJ5 N . -31.56 -5.29 17.88
C1 IJ5 N . -31.64 -6.42 17.77
C2 IJ5 N . -31.60 -7.93 17.71
O1 IJ5 N . -30.38 -8.27 18.35
C3 IJ5 N . -31.94 -8.52 16.33
C4 IJ5 N . -30.99 -8.56 15.30
C5 IJ5 N . -31.29 -9.09 14.05
C6 IJ5 N . -32.55 -9.59 13.77
C7 IJ5 N . -33.50 -9.60 14.75
C8 IJ5 N . -33.20 -9.06 16.00
CL1 IJ5 N . -34.51 -9.15 17.17
H1 IJ5 N . -32.28 -8.27 18.36
H2 IJ5 N . -29.94 -8.86 17.92
H3 IJ5 N . -30.13 -8.20 15.45
H4 IJ5 N . -30.63 -9.08 13.37
H5 IJ5 N . -32.73 -9.95 12.92
H6 IJ5 N . -34.34 -9.96 14.57
S SO4 O . -33.12 6.00 31.97
O1 SO4 O . -33.24 7.23 31.22
O2 SO4 O . -31.74 5.59 32.00
O3 SO4 O . -33.56 6.22 33.34
O4 SO4 O . -33.98 5.00 31.37
S SO4 P . -36.57 -11.20 4.26
O1 SO4 P . -36.37 -10.24 3.21
O2 SO4 P . -36.10 -10.69 5.53
O3 SO4 P . -35.84 -12.40 3.93
O4 SO4 P . -37.98 -11.49 4.36
N1 IJ5 Q . 27.29 10.98 2.86
C1 IJ5 Q . 26.23 11.53 2.81
C2 IJ5 Q . 24.90 12.30 2.87
O1 IJ5 Q . 24.68 12.57 4.22
C3 IJ5 Q . 23.63 11.59 2.41
C4 IJ5 Q . 22.49 11.44 3.25
C5 IJ5 Q . 21.38 10.78 2.78
C6 IJ5 Q . 21.36 10.23 1.50
C7 IJ5 Q . 22.42 10.39 0.65
C8 IJ5 Q . 23.54 11.05 1.14
CL1 IJ5 Q . 24.92 11.19 0.13
H1 IJ5 Q . 24.99 13.15 2.37
H2 IJ5 Q . 23.92 12.27 4.43
H3 IJ5 Q . 22.50 11.80 4.12
H4 IJ5 Q . 20.62 10.69 3.33
H5 IJ5 Q . 20.59 9.81 1.19
H6 IJ5 Q . 22.42 10.01 -0.21
C1 GOL R . 30.96 11.12 -18.18
O1 GOL R . 32.16 10.67 -17.56
C2 GOL R . 30.84 10.53 -19.59
O2 GOL R . 30.50 9.15 -19.49
C3 GOL R . 29.88 11.27 -20.52
O3 GOL R . 29.29 12.47 -19.97
H11 GOL R . 30.97 12.10 -18.24
H12 GOL R . 30.19 10.83 -17.65
HO1 GOL R . 32.20 11.01 -16.79
H2 GOL R . 31.74 10.59 -19.99
HO2 GOL R . 29.82 9.00 -19.97
H31 GOL R . 29.15 10.66 -20.75
H32 GOL R . 30.36 11.51 -21.34
HO3 GOL R . 28.85 12.28 -19.29
C1 GOL S . 22.78 15.85 -14.75
O1 GOL S . 21.60 15.43 -14.06
C2 GOL S . 23.97 14.90 -14.73
O2 GOL S . 23.61 13.56 -15.09
C3 GOL S . 25.09 15.35 -15.64
O3 GOL S . 25.16 16.76 -15.80
H11 GOL S . 23.07 16.72 -14.38
H12 GOL S . 22.54 16.02 -15.70
HO1 GOL S . 21.04 15.95 -14.13
H2 GOL S . 24.32 14.87 -13.80
HO2 GOL S . 24.10 13.34 -15.82
H31 GOL S . 24.96 14.93 -16.53
H32 GOL S . 25.95 15.02 -15.28
HO3 GOL S . 25.37 17.10 -15.05
S SO4 T . 16.25 28.38 -0.32
O1 SO4 T . 16.89 28.58 0.96
O2 SO4 T . 15.63 29.59 -0.81
O3 SO4 T . 15.24 27.35 -0.12
O4 SO4 T . 17.24 28.00 -1.28
#